data_8UQ1
#
_entry.id   8UQ1
#
_cell.length_a   48.753
_cell.length_b   54.938
_cell.length_c   75.883
_cell.angle_alpha   103.96
_cell.angle_beta   100.43
_cell.angle_gamma   108.65
#
_symmetry.space_group_name_H-M   'P 1'
#
loop_
_entity.id
_entity.type
_entity.pdbx_description
1 polymer 'Bifunctional protein PutA'
2 non-polymer 'FLAVIN-ADENINE DINUCLEOTIDE'
3 non-polymer DI(HYDROXYETHYL)ETHER
4 non-polymer '(Allylthio)acetic acid'
5 water water
#
_entity_poly.entity_id   1
_entity_poly.type   'polypeptide(L)'
_entity_poly.pdbx_seq_one_letter_code
;SRPQSTLRRAITAAYRRPETECLPPLVEAATQSKEIRDAAASTARKLIEALRGKHSGSGSSGSMMGEQFVTGETIREALK
RSKELEEKGFSYSYDMLGEAATTAADAERYYRDYESAIHAIGKASAGRGIYEGPGISIKLSALHPRYSRAQAARVMGELL
PRVKALALLAKNYDIGLNIDAEEADRLELSLDLLEVLCLDGDLSGWNGMGFVVQAYGKRCPFVLDFIIDLARRSGRRIMV
RLVKGAYWDAEIKRAQLDGLADFPVFTRKIHTDVSYIACAAKLLAATDVVFPQFATHNAQTLAAIYHMAGKDFHVGKYEF
QCLHGMGEPLYEEVVGRGKLDRPCRIYAPVGTHETLLAYLVRRLLENGANSSFVHRINDPKVSIDELIADPVEVVR
;
_entity_poly.pdbx_strand_id   A,B
#
loop_
_chem_comp.id
_chem_comp.type
_chem_comp.name
_chem_comp.formula
FAD non-polymer 'FLAVIN-ADENINE DINUCLEOTIDE' 'C27 H33 N9 O15 P2'
PEG non-polymer DI(HYDROXYETHYL)ETHER 'C4 H10 O3'
X7Q non-polymer '(Allylthio)acetic acid' 'C5 H8 O2 S'
#
# COMPACT_ATOMS: atom_id res chain seq x y z
N GLN A 4 17.12 -1.87 33.38
CA GLN A 4 16.28 -0.78 33.86
C GLN A 4 17.13 0.39 34.38
N SER A 5 16.78 1.61 33.97
CA SER A 5 17.50 2.80 34.38
C SER A 5 16.55 3.99 34.29
N THR A 6 16.98 5.11 34.87
CA THR A 6 16.24 6.35 34.72
C THR A 6 16.06 6.71 33.25
N LEU A 7 17.09 6.50 32.44
CA LEU A 7 16.96 6.77 31.01
C LEU A 7 15.96 5.83 30.36
N ARG A 8 16.00 4.55 30.70
CA ARG A 8 15.01 3.62 30.15
C ARG A 8 13.61 3.95 30.64
N ARG A 9 13.48 4.40 31.90
CA ARG A 9 12.17 4.73 32.44
C ARG A 9 11.52 5.89 31.69
N ALA A 10 12.33 6.84 31.23
CA ALA A 10 11.78 7.97 30.50
C ALA A 10 11.19 7.53 29.18
N ILE A 11 11.82 6.55 28.53
CA ILE A 11 11.29 6.00 27.29
C ILE A 11 9.92 5.37 27.54
N THR A 12 9.86 4.43 28.49
CA THR A 12 8.59 3.75 28.77
C THR A 12 7.50 4.73 29.14
N ALA A 13 7.84 5.76 29.94
CA ALA A 13 6.84 6.71 30.41
C ALA A 13 6.28 7.58 29.30
N ALA A 14 7.02 7.77 28.21
CA ALA A 14 6.59 8.62 27.11
C ALA A 14 5.76 7.89 26.06
N TYR A 15 5.67 6.57 26.15
CA TYR A 15 5.08 5.72 25.11
C TYR A 15 3.77 6.31 24.56
N ARG A 16 2.83 6.62 25.44
CA ARG A 16 1.54 7.18 25.05
C ARG A 16 1.24 8.49 25.78
N ARG A 17 2.28 9.24 26.10
CA ARG A 17 2.08 10.54 26.75
C ARG A 17 1.19 11.41 25.87
N PRO A 18 0.23 12.14 26.46
CA PRO A 18 -0.64 13.00 25.66
C PRO A 18 0.16 13.90 24.73
N GLU A 19 -0.31 14.00 23.49
CA GLU A 19 0.38 14.77 22.47
C GLU A 19 0.63 16.20 22.93
N THR A 20 -0.38 16.82 23.57
CA THR A 20 -0.22 18.20 24.02
C THR A 20 0.87 18.35 25.08
N GLU A 21 1.11 17.30 25.87
CA GLU A 21 2.17 17.36 26.87
C GLU A 21 3.55 17.12 26.27
N CYS A 22 3.62 16.40 25.15
CA CYS A 22 4.91 16.14 24.53
C CYS A 22 5.49 17.38 23.89
N LEU A 23 4.64 18.32 23.47
CA LEU A 23 5.05 19.34 22.52
C LEU A 23 5.91 20.47 23.10
N PRO A 24 5.57 21.05 24.26
CA PRO A 24 6.32 22.24 24.75
C PRO A 24 7.82 22.01 24.83
N PRO A 25 8.31 20.90 25.41
CA PRO A 25 9.77 20.70 25.42
C PRO A 25 10.38 20.60 24.03
N LEU A 26 9.66 19.99 23.08
CA LEU A 26 10.16 19.93 21.71
C LEU A 26 10.16 21.31 21.07
N VAL A 27 9.09 22.08 21.29
CA VAL A 27 9.04 23.44 20.76
C VAL A 27 10.25 24.24 21.22
N GLU A 28 10.55 24.18 22.53
CA GLU A 28 11.69 24.92 23.07
C GLU A 28 13.00 24.48 22.41
N ALA A 29 13.22 23.17 22.34
CA ALA A 29 14.49 22.67 21.81
C ALA A 29 14.60 22.92 20.31
N ALA A 30 13.48 22.99 19.61
CA ALA A 30 13.49 23.24 18.17
C ALA A 30 13.51 24.72 17.81
N THR A 31 13.42 25.62 18.79
CA THR A 31 13.44 27.04 18.51
C THR A 31 14.86 27.49 18.20
N GLN A 32 15.03 28.13 17.05
CA GLN A 32 16.34 28.57 16.57
C GLN A 32 16.47 30.07 16.74
N SER A 33 17.71 30.54 16.86
CA SER A 33 17.96 31.97 16.92
C SER A 33 17.55 32.62 15.60
N LYS A 34 17.38 33.95 15.65
CA LYS A 34 17.01 34.69 14.45
C LYS A 34 18.03 34.51 13.35
N GLU A 35 19.32 34.60 13.68
CA GLU A 35 20.35 34.48 12.64
C GLU A 35 20.30 33.11 11.97
N ILE A 36 20.09 32.05 12.76
CA ILE A 36 19.98 30.72 12.18
C ILE A 36 18.71 30.59 11.36
N ARG A 37 17.59 31.11 11.87
CA ARG A 37 16.34 31.01 11.11
C ARG A 37 16.44 31.75 9.78
N ASP A 38 17.05 32.94 9.78
CA ASP A 38 17.19 33.71 8.55
C ASP A 38 18.11 33.00 7.56
N ALA A 39 19.23 32.46 8.04
CA ALA A 39 20.14 31.76 7.15
C ALA A 39 19.51 30.49 6.60
N ALA A 40 18.77 29.76 7.44
CA ALA A 40 18.10 28.55 6.99
C ALA A 40 17.03 28.87 5.94
N ALA A 41 16.28 29.96 6.15
CA ALA A 41 15.29 30.37 5.16
C ALA A 41 15.94 30.66 3.81
N SER A 42 17.10 31.33 3.83
CA SER A 42 17.79 31.66 2.59
C SER A 42 18.29 30.40 1.89
N THR A 43 18.91 29.50 2.65
CA THR A 43 19.35 28.24 2.06
C THR A 43 18.17 27.43 1.55
N ALA A 44 17.10 27.34 2.33
CA ALA A 44 15.95 26.55 1.90
C ALA A 44 15.31 27.13 0.65
N ARG A 45 15.24 28.45 0.55
CA ARG A 45 14.69 29.06 -0.66
C ARG A 45 15.55 28.71 -1.86
N LYS A 46 16.87 28.82 -1.72
CA LYS A 46 17.76 28.49 -2.83
C LYS A 46 17.58 27.04 -3.27
N LEU A 47 17.48 26.11 -2.32
CA LEU A 47 17.28 24.70 -2.66
C LEU A 47 15.95 24.48 -3.36
N ILE A 48 14.87 25.10 -2.86
CA ILE A 48 13.56 24.84 -3.43
C ILE A 48 13.43 25.45 -4.82
N GLU A 49 14.02 26.64 -5.03
CA GLU A 49 14.05 27.21 -6.37
C GLU A 49 14.78 26.28 -7.34
N ALA A 50 15.88 25.69 -6.90
CA ALA A 50 16.56 24.71 -7.74
C ALA A 50 15.69 23.48 -7.98
N LEU A 51 15.00 23.00 -6.94
CA LEU A 51 14.13 21.83 -7.10
C LEU A 51 13.00 22.10 -8.08
N ARG A 52 12.39 23.28 -8.02
CA ARG A 52 11.29 23.62 -8.90
C ARG A 52 11.75 24.03 -10.30
N GLY A 53 13.06 24.05 -10.54
CA GLY A 53 13.58 24.11 -11.90
C GLY A 53 13.81 22.71 -12.41
N LYS A 54 13.86 21.75 -11.49
CA LYS A 54 13.88 20.34 -11.84
C LYS A 54 12.44 19.85 -11.92
N HIS A 55 12.23 18.54 -11.77
CA HIS A 55 10.90 17.95 -11.73
C HIS A 55 10.91 16.78 -10.75
N SER A 56 11.31 17.08 -9.52
CA SER A 56 11.47 16.10 -8.47
C SER A 56 10.12 15.83 -7.79
N GLY A 57 10.15 15.13 -6.67
CA GLY A 57 8.93 14.93 -5.92
C GLY A 57 8.11 13.77 -6.44
N SER A 58 6.85 13.74 -6.00
CA SER A 58 5.96 12.62 -6.26
C SER A 58 5.73 12.39 -7.75
N GLY A 59 5.71 13.47 -8.55
CA GLY A 59 5.53 13.32 -9.98
C GLY A 59 6.60 12.46 -10.64
N SER A 60 7.77 12.39 -10.03
CA SER A 60 8.89 11.61 -10.56
C SER A 60 8.94 10.19 -10.02
N SER A 61 7.91 9.76 -9.29
CA SER A 61 7.97 8.46 -8.61
C SER A 61 7.88 7.28 -9.55
N GLY A 62 7.63 7.50 -10.84
CA GLY A 62 7.62 6.40 -11.79
C GLY A 62 6.34 5.61 -11.73
N SER A 63 6.41 4.40 -12.27
CA SER A 63 5.24 3.55 -12.43
C SER A 63 5.11 2.57 -11.28
N MET A 64 3.97 1.88 -11.23
CA MET A 64 3.74 0.88 -10.20
C MET A 64 4.63 -0.34 -10.32
N MET A 65 5.48 -0.42 -11.36
CA MET A 65 6.53 -1.42 -11.37
C MET A 65 7.60 -1.13 -10.30
N GLY A 66 7.66 0.10 -9.80
CA GLY A 66 8.60 0.43 -8.74
C GLY A 66 10.04 0.60 -9.19
N GLU A 67 10.27 0.73 -10.50
CA GLU A 67 11.62 0.77 -11.03
C GLU A 67 12.44 1.92 -10.45
N GLN A 68 11.79 3.03 -10.10
CA GLN A 68 12.53 4.19 -9.62
C GLN A 68 13.17 3.94 -8.26
N PHE A 69 12.67 2.98 -7.49
CA PHE A 69 13.03 2.86 -6.09
C PHE A 69 14.02 1.75 -5.78
N VAL A 70 14.37 0.91 -6.75
CA VAL A 70 15.27 -0.21 -6.52
C VAL A 70 16.59 0.04 -7.25
N THR A 71 17.71 -0.17 -6.55
CA THR A 71 19.01 0.16 -7.09
C THR A 71 19.55 -0.97 -7.96
N GLY A 72 19.19 -2.20 -7.66
CA GLY A 72 19.56 -3.34 -8.48
C GLY A 72 18.89 -4.58 -7.96
N GLU A 73 18.92 -5.63 -8.79
CA GLU A 73 18.33 -6.90 -8.38
C GLU A 73 19.23 -7.67 -7.43
N THR A 74 20.54 -7.54 -7.59
CA THR A 74 21.51 -8.24 -6.77
C THR A 74 22.50 -7.22 -6.24
N ILE A 75 23.20 -7.62 -5.18
CA ILE A 75 24.19 -6.72 -4.58
C ILE A 75 25.30 -6.41 -5.57
N ARG A 76 25.69 -7.40 -6.38
CA ARG A 76 26.71 -7.16 -7.39
C ARG A 76 26.27 -6.09 -8.38
N GLU A 77 25.01 -6.15 -8.82
CA GLU A 77 24.49 -5.13 -9.74
C GLU A 77 24.43 -3.76 -9.08
N ALA A 78 23.97 -3.70 -7.83
CA ALA A 78 23.84 -2.41 -7.16
C ALA A 78 25.21 -1.78 -6.90
N LEU A 79 26.20 -2.60 -6.53
CA LEU A 79 27.55 -2.09 -6.30
C LEU A 79 28.13 -1.50 -7.58
N LYS A 80 27.97 -2.20 -8.72
CA LYS A 80 28.48 -1.70 -9.99
C LYS A 80 27.89 -0.34 -10.32
N ARG A 81 26.61 -0.14 -10.06
CA ARG A 81 25.93 1.10 -10.41
C ARG A 81 26.19 2.23 -9.43
N SER A 82 26.98 1.99 -8.39
CA SER A 82 27.20 3.00 -7.35
C SER A 82 28.41 3.88 -7.60
N LYS A 83 29.25 3.54 -8.58
CA LYS A 83 30.51 4.27 -8.76
C LYS A 83 30.26 5.71 -9.19
N GLU A 84 29.26 5.95 -10.05
CA GLU A 84 29.04 7.29 -10.59
C GLU A 84 28.72 8.29 -9.48
N LEU A 85 27.76 7.96 -8.61
CA LEU A 85 27.40 8.88 -7.56
C LEU A 85 28.42 8.91 -6.42
N GLU A 86 29.18 7.82 -6.22
CA GLU A 86 30.18 7.81 -5.15
C GLU A 86 31.27 8.83 -5.39
N GLU A 87 31.66 9.04 -6.64
CA GLU A 87 32.67 10.07 -6.91
C GLU A 87 32.11 11.49 -6.87
N LYS A 88 30.78 11.65 -6.88
CA LYS A 88 30.14 12.94 -6.70
C LYS A 88 30.05 13.33 -5.23
N GLY A 89 30.32 12.41 -4.30
CA GLY A 89 30.28 12.70 -2.89
C GLY A 89 29.21 11.95 -2.14
N PHE A 90 28.47 11.07 -2.81
CA PHE A 90 27.47 10.25 -2.16
C PHE A 90 28.11 8.98 -1.64
N SER A 91 27.47 8.41 -0.60
CA SER A 91 27.82 7.08 -0.11
C SER A 91 26.55 6.25 -0.16
N TYR A 92 26.64 4.99 0.24
CA TYR A 92 25.50 4.08 0.12
C TYR A 92 25.27 3.29 1.40
N SER A 93 24.00 2.98 1.66
CA SER A 93 23.62 1.94 2.62
C SER A 93 22.69 0.99 1.89
N TYR A 94 23.12 -0.25 1.67
CA TYR A 94 22.34 -1.18 0.87
C TYR A 94 21.32 -1.92 1.73
N ASP A 95 20.12 -2.06 1.18
CA ASP A 95 19.00 -2.70 1.86
C ASP A 95 18.57 -3.92 1.03
N MET A 96 18.96 -5.12 1.46
CA MET A 96 18.44 -6.33 0.84
C MET A 96 16.98 -6.44 1.24
N LEU A 97 16.10 -6.26 0.25
CA LEU A 97 14.68 -6.17 0.51
C LEU A 97 14.14 -7.46 1.10
N GLY A 98 13.13 -7.34 1.94
CA GLY A 98 12.62 -8.49 2.66
C GLY A 98 12.36 -8.14 4.12
N GLU A 99 11.19 -8.52 4.61
CA GLU A 99 10.80 -8.14 5.95
C GLU A 99 9.65 -9.04 6.39
N ALA A 100 9.34 -8.97 7.69
CA ALA A 100 8.19 -9.66 8.27
C ALA A 100 8.14 -11.12 7.86
N ALA A 101 9.24 -11.83 8.13
CA ALA A 101 9.30 -13.24 7.82
C ALA A 101 8.20 -13.97 8.57
N THR A 102 7.54 -14.91 7.88
CA THR A 102 6.46 -15.67 8.50
C THR A 102 6.82 -17.14 8.71
N THR A 103 7.94 -17.61 8.16
CA THR A 103 8.40 -18.97 8.33
C THR A 103 9.89 -18.96 8.63
N ALA A 104 10.37 -20.08 9.18
CA ALA A 104 11.79 -20.20 9.46
C ALA A 104 12.60 -20.19 8.17
N ALA A 105 12.06 -20.80 7.11
CA ALA A 105 12.75 -20.80 5.82
C ALA A 105 12.95 -19.38 5.30
N ASP A 106 11.93 -18.52 5.43
CA ASP A 106 12.07 -17.15 4.96
C ASP A 106 13.10 -16.39 5.77
N ALA A 107 13.06 -16.54 7.10
CA ALA A 107 14.02 -15.86 7.95
C ALA A 107 15.43 -16.35 7.65
N GLU A 108 15.57 -17.65 7.37
CA GLU A 108 16.89 -18.18 7.00
C GLU A 108 17.38 -17.59 5.68
N ARG A 109 16.49 -17.49 4.69
CA ARG A 109 16.87 -16.91 3.40
C ARG A 109 17.29 -15.46 3.56
N TYR A 110 16.53 -14.67 4.31
CA TYR A 110 16.90 -13.28 4.51
C TYR A 110 18.24 -13.15 5.20
N TYR A 111 18.51 -14.00 6.20
CA TYR A 111 19.83 -13.99 6.84
C TYR A 111 20.93 -14.23 5.82
N ARG A 112 20.78 -15.25 4.98
CA ARG A 112 21.80 -15.54 3.97
CA ARG A 112 21.81 -15.53 3.98
C ARG A 112 21.97 -14.37 3.00
N ASP A 113 20.87 -13.70 2.66
CA ASP A 113 20.94 -12.52 1.81
C ASP A 113 21.78 -11.42 2.47
N TYR A 114 21.49 -11.11 3.73
CA TYR A 114 22.26 -10.10 4.44
C TYR A 114 23.73 -10.50 4.55
N GLU A 115 23.98 -11.75 4.91
CA GLU A 115 25.35 -12.24 5.06
C GLU A 115 26.13 -12.11 3.75
N SER A 116 25.55 -12.57 2.64
CA SER A 116 26.26 -12.45 1.37
C SER A 116 26.45 -10.99 0.97
N ALA A 117 25.48 -10.12 1.26
CA ALA A 117 25.66 -8.71 0.95
C ALA A 117 26.80 -8.10 1.76
N ILE A 118 26.95 -8.48 3.04
CA ILE A 118 28.03 -7.90 3.85
C ILE A 118 29.38 -8.26 3.27
N HIS A 119 29.55 -9.51 2.84
CA HIS A 119 30.81 -9.90 2.20
C HIS A 119 31.07 -9.07 0.95
N ALA A 120 30.05 -8.89 0.11
CA ALA A 120 30.25 -8.12 -1.12
C ALA A 120 30.49 -6.65 -0.80
N ILE A 121 29.71 -6.08 0.09
CA ILE A 121 29.88 -4.68 0.44
C ILE A 121 31.21 -4.45 1.13
N GLY A 122 31.60 -5.36 2.01
CA GLY A 122 32.86 -5.20 2.72
C GLY A 122 34.05 -5.32 1.80
N LYS A 123 33.98 -6.20 0.81
CA LYS A 123 35.08 -6.30 -0.15
C LYS A 123 35.12 -5.08 -1.06
N ALA A 124 33.95 -4.57 -1.45
CA ALA A 124 33.88 -3.35 -2.26
C ALA A 124 34.35 -2.14 -1.47
N SER A 125 34.11 -2.13 -0.15
CA SER A 125 34.55 -0.99 0.68
C SER A 125 36.05 -0.83 0.61
N ALA A 126 36.78 -1.94 0.64
CA ALA A 126 38.23 -1.94 0.41
C ALA A 126 38.96 -1.07 1.42
N GLY A 127 38.48 -1.07 2.67
CA GLY A 127 39.13 -0.33 3.74
C GLY A 127 38.77 1.14 3.83
N ARG A 128 37.77 1.60 3.09
CA ARG A 128 37.37 3.01 3.16
C ARG A 128 36.78 3.37 4.51
N GLY A 129 36.35 2.38 5.29
CA GLY A 129 35.82 2.66 6.61
C GLY A 129 34.34 3.01 6.59
N ILE A 130 33.84 3.35 7.78
CA ILE A 130 32.39 3.39 7.96
C ILE A 130 31.75 4.68 7.43
N TYR A 131 32.51 5.74 7.21
CA TYR A 131 31.96 7.01 6.74
C TYR A 131 32.15 7.21 5.24
N GLU A 132 33.36 6.96 4.75
CA GLU A 132 33.65 7.14 3.32
C GLU A 132 33.15 5.97 2.48
N GLY A 133 32.91 4.81 3.09
CA GLY A 133 32.59 3.62 2.34
C GLY A 133 31.18 3.15 2.60
N PRO A 134 30.74 2.18 1.81
CA PRO A 134 29.34 1.75 1.86
C PRO A 134 29.03 0.97 3.14
N GLY A 135 27.73 0.96 3.48
CA GLY A 135 27.27 0.12 4.56
C GLY A 135 26.05 -0.69 4.19
N ILE A 136 25.44 -1.30 5.20
CA ILE A 136 24.27 -2.13 5.00
C ILE A 136 23.22 -1.75 6.05
N SER A 137 21.96 -1.97 5.70
CA SER A 137 20.83 -1.78 6.60
C SER A 137 20.04 -3.07 6.68
N ILE A 138 19.62 -3.44 7.88
CA ILE A 138 18.87 -4.67 8.09
C ILE A 138 17.56 -4.38 8.82
N LYS A 139 16.59 -5.27 8.64
CA LYS A 139 15.33 -5.21 9.39
C LYS A 139 15.23 -6.45 10.27
N LEU A 140 15.03 -6.23 11.57
CA LEU A 140 14.94 -7.36 12.50
C LEU A 140 13.75 -8.26 12.16
N SER A 141 12.68 -7.69 11.58
CA SER A 141 11.53 -8.52 11.24
C SER A 141 11.83 -9.53 10.13
N ALA A 142 12.90 -9.30 9.35
CA ALA A 142 13.33 -10.26 8.35
C ALA A 142 13.99 -11.49 8.97
N LEU A 143 14.53 -11.35 10.18
CA LEU A 143 15.44 -12.35 10.74
C LEU A 143 14.80 -13.25 11.78
N HIS A 144 13.52 -13.04 12.13
CA HIS A 144 12.85 -13.87 13.12
C HIS A 144 11.45 -14.14 12.58
N PRO A 145 11.02 -15.41 12.56
CA PRO A 145 9.77 -15.75 11.87
C PRO A 145 8.52 -15.29 12.57
N ARG A 146 8.60 -14.90 13.84
CA ARG A 146 7.43 -14.42 14.58
C ARG A 146 7.75 -13.13 15.29
N TYR A 147 8.39 -12.21 14.56
CA TYR A 147 8.99 -11.03 15.19
C TYR A 147 7.96 -10.21 15.96
N SER A 148 6.79 -9.99 15.37
CA SER A 148 5.77 -9.17 16.00
C SER A 148 4.74 -9.95 16.80
N ARG A 149 4.68 -11.27 16.64
CA ARG A 149 3.61 -12.06 17.24
C ARG A 149 4.10 -13.00 18.35
N ALA A 150 5.35 -12.89 18.76
CA ALA A 150 5.89 -13.71 19.83
C ALA A 150 6.42 -12.83 20.94
N GLN A 151 6.62 -13.44 22.11
CA GLN A 151 7.05 -12.69 23.28
C GLN A 151 8.39 -12.00 23.03
N ALA A 152 8.46 -10.72 23.39
CA ALA A 152 9.64 -9.92 23.04
C ALA A 152 10.92 -10.51 23.60
N ALA A 153 10.86 -11.09 24.80
CA ALA A 153 12.07 -11.63 25.42
C ALA A 153 12.63 -12.81 24.64
N ARG A 154 11.75 -13.73 24.23
CA ARG A 154 12.19 -14.90 23.47
C ARG A 154 12.64 -14.50 22.07
N VAL A 155 11.93 -13.57 21.43
CA VAL A 155 12.32 -13.10 20.10
C VAL A 155 13.74 -12.56 20.13
N MET A 156 14.01 -11.63 21.06
CA MET A 156 15.35 -11.05 21.14
C MET A 156 16.40 -12.13 21.39
N GLY A 157 16.07 -13.14 22.20
CA GLY A 157 17.04 -14.16 22.54
C GLY A 157 17.44 -15.06 21.38
N GLU A 158 16.53 -15.29 20.44
CA GLU A 158 16.87 -16.04 19.24
C GLU A 158 17.45 -15.13 18.17
N LEU A 159 17.10 -13.84 18.21
CA LEU A 159 17.56 -12.89 17.22
C LEU A 159 19.00 -12.47 17.48
N LEU A 160 19.37 -12.34 18.75
CA LEU A 160 20.71 -11.85 19.11
C LEU A 160 21.86 -12.58 18.44
N PRO A 161 21.94 -13.92 18.49
CA PRO A 161 23.06 -14.58 17.80
C PRO A 161 23.15 -14.26 16.32
N ARG A 162 22.01 -14.13 15.64
CA ARG A 162 22.05 -13.83 14.21
C ARG A 162 22.55 -12.41 13.96
N VAL A 163 22.05 -11.44 14.74
CA VAL A 163 22.50 -10.07 14.54
C VAL A 163 23.96 -9.91 14.96
N LYS A 164 24.36 -10.58 16.05
CA LYS A 164 25.76 -10.49 16.45
C LYS A 164 26.68 -11.05 15.36
N ALA A 165 26.29 -12.17 14.75
CA ALA A 165 27.11 -12.73 13.68
C ALA A 165 27.23 -11.76 12.51
N LEU A 166 26.14 -11.10 12.15
CA LEU A 166 26.21 -10.13 11.07
C LEU A 166 27.07 -8.93 11.46
N ALA A 167 26.93 -8.45 12.70
CA ALA A 167 27.75 -7.33 13.16
C ALA A 167 29.23 -7.68 13.15
N LEU A 168 29.56 -8.92 13.52
CA LEU A 168 30.97 -9.33 13.52
C LEU A 168 31.55 -9.31 12.10
N LEU A 169 30.78 -9.77 11.11
CA LEU A 169 31.22 -9.65 9.74
C LEU A 169 31.43 -8.20 9.35
N ALA A 170 30.49 -7.33 9.74
CA ALA A 170 30.65 -5.90 9.43
C ALA A 170 31.88 -5.33 10.09
N LYS A 171 32.17 -5.77 11.32
CA LYS A 171 33.40 -5.32 11.98
C LYS A 171 34.64 -5.80 11.23
N ASN A 172 34.64 -7.06 10.77
CA ASN A 172 35.78 -7.60 10.03
C ASN A 172 36.14 -6.74 8.82
N TYR A 173 35.13 -6.24 8.10
CA TYR A 173 35.38 -5.39 6.95
C TYR A 173 35.36 -3.89 7.28
N ASP A 174 35.02 -3.53 8.52
CA ASP A 174 34.87 -2.14 8.95
C ASP A 174 33.88 -1.36 8.08
N ILE A 175 32.65 -1.88 8.02
CA ILE A 175 31.55 -1.20 7.35
C ILE A 175 30.43 -0.91 8.34
N GLY A 176 29.54 0.00 7.95
CA GLY A 176 28.39 0.29 8.80
C GLY A 176 27.31 -0.79 8.68
N LEU A 177 26.66 -1.05 9.81
CA LEU A 177 25.51 -1.97 9.86
CA LEU A 177 25.52 -1.97 9.86
C LEU A 177 24.41 -1.28 10.67
N ASN A 178 23.33 -0.92 9.98
CA ASN A 178 22.22 -0.18 10.59
C ASN A 178 21.02 -1.08 10.80
N ILE A 179 20.41 -0.96 11.98
CA ILE A 179 19.12 -1.59 12.28
C ILE A 179 18.01 -0.60 11.95
N ASP A 180 17.25 -0.91 10.89
CA ASP A 180 16.09 -0.07 10.55
C ASP A 180 15.05 -0.10 11.67
N ALA A 181 14.29 0.99 11.82
CA ALA A 181 13.18 1.01 12.76
C ALA A 181 11.88 0.65 12.07
N GLU A 182 11.08 -0.18 12.73
CA GLU A 182 9.84 -0.64 12.15
C GLU A 182 8.64 -0.18 12.99
N GLU A 183 7.76 -1.07 13.42
CA GLU A 183 6.57 -0.64 14.13
C GLU A 183 6.89 -0.23 15.57
N ALA A 184 6.05 0.65 16.11
CA ALA A 184 6.31 1.24 17.42
C ALA A 184 6.40 0.19 18.52
N ASP A 185 5.60 -0.88 18.43
CA ASP A 185 5.63 -1.87 19.50
C ASP A 185 6.90 -2.71 19.52
N ARG A 186 7.82 -2.50 18.58
CA ARG A 186 9.09 -3.22 18.54
C ARG A 186 10.29 -2.33 18.83
N LEU A 187 10.07 -1.06 19.15
CA LEU A 187 11.17 -0.18 19.53
C LEU A 187 11.94 -0.76 20.71
N GLU A 188 11.23 -1.17 21.77
CA GLU A 188 11.91 -1.57 23.00
C GLU A 188 12.78 -2.79 22.78
N LEU A 189 12.27 -3.78 22.05
CA LEU A 189 13.04 -4.99 21.75
C LEU A 189 14.33 -4.64 21.02
N SER A 190 14.24 -3.86 19.93
CA SER A 190 15.41 -3.54 19.14
C SER A 190 16.41 -2.73 19.95
N LEU A 191 15.91 -1.87 20.84
CA LEU A 191 16.82 -1.07 21.65
C LEU A 191 17.59 -1.94 22.65
N ASP A 192 16.92 -2.93 23.25
CA ASP A 192 17.60 -3.87 24.10
C ASP A 192 18.69 -4.61 23.33
N LEU A 193 18.41 -4.97 22.07
CA LEU A 193 19.41 -5.64 21.24
C LEU A 193 20.60 -4.72 20.98
N LEU A 194 20.35 -3.45 20.70
CA LEU A 194 21.44 -2.50 20.50
C LEU A 194 22.32 -2.43 21.72
N GLU A 195 21.72 -2.39 22.91
CA GLU A 195 22.52 -2.27 24.13
C GLU A 195 23.44 -3.47 24.30
N VAL A 196 22.91 -4.68 24.10
CA VAL A 196 23.73 -5.87 24.24
C VAL A 196 24.92 -5.83 23.28
N LEU A 197 24.66 -5.45 22.03
CA LEU A 197 25.72 -5.39 21.02
C LEU A 197 26.79 -4.37 21.40
N CYS A 198 26.38 -3.20 21.89
CA CYS A 198 27.34 -2.13 22.20
C CYS A 198 28.18 -2.46 23.43
N LEU A 199 27.74 -3.39 24.25
CA LEU A 199 28.50 -3.83 25.41
C LEU A 199 29.24 -5.15 25.16
N ASP A 200 29.14 -5.70 23.95
CA ASP A 200 29.77 -6.97 23.63
C ASP A 200 31.22 -6.73 23.22
N GLY A 201 32.14 -7.24 24.03
CA GLY A 201 33.56 -7.00 23.78
C GLY A 201 34.09 -7.57 22.49
N ASP A 202 33.39 -8.55 21.90
CA ASP A 202 33.81 -9.08 20.61
C ASP A 202 33.71 -8.04 19.51
N LEU A 203 32.89 -7.01 19.68
CA LEU A 203 32.69 -5.95 18.69
C LEU A 203 33.48 -4.69 19.02
N SER A 204 34.41 -4.77 19.97
CA SER A 204 35.15 -3.58 20.40
C SER A 204 35.97 -3.01 19.25
N GLY A 205 36.13 -1.69 19.26
CA GLY A 205 36.94 -1.01 18.27
C GLY A 205 36.27 -0.76 16.95
N TRP A 206 35.01 -1.16 16.81
CA TRP A 206 34.24 -0.93 15.59
C TRP A 206 33.12 0.05 15.91
N ASN A 207 33.02 1.11 15.11
CA ASN A 207 32.02 2.15 15.29
C ASN A 207 30.92 2.09 14.22
N GLY A 208 30.73 0.94 13.59
CA GLY A 208 29.76 0.84 12.53
C GLY A 208 28.35 0.47 12.92
N MET A 209 28.08 0.19 14.20
CA MET A 209 26.72 -0.17 14.58
C MET A 209 25.83 1.06 14.49
N GLY A 210 24.70 0.91 13.80
CA GLY A 210 23.80 2.01 13.58
C GLY A 210 22.38 1.66 13.97
N PHE A 211 21.62 2.71 14.26
CA PHE A 211 20.26 2.55 14.78
C PHE A 211 19.41 3.75 14.37
N VAL A 212 18.18 3.47 13.95
CA VAL A 212 17.24 4.50 13.50
C VAL A 212 16.33 4.88 14.66
N VAL A 213 16.05 6.16 14.78
CA VAL A 213 15.01 6.63 15.70
C VAL A 213 14.00 7.48 14.92
N GLN A 214 12.72 7.24 15.19
CA GLN A 214 11.62 7.85 14.44
C GLN A 214 11.06 9.05 15.19
N ALA A 215 11.20 10.24 14.59
CA ALA A 215 10.77 11.48 15.21
C ALA A 215 9.25 11.60 15.27
N TYR A 216 8.52 10.80 14.49
CA TYR A 216 7.07 10.81 14.67
C TYR A 216 6.61 10.12 15.96
N GLY A 217 7.53 9.46 16.67
CA GLY A 217 7.19 8.79 17.92
C GLY A 217 7.41 9.66 19.14
N LYS A 218 6.50 9.54 20.11
CA LYS A 218 6.57 10.34 21.32
C LYS A 218 7.80 10.00 22.17
N ARG A 219 8.38 8.83 21.99
CA ARG A 219 9.55 8.43 22.77
C ARG A 219 10.87 8.95 22.20
N CYS A 220 10.87 9.55 21.01
CA CYS A 220 12.09 9.87 20.28
C CYS A 220 13.16 10.57 21.12
N PRO A 221 12.90 11.72 21.74
CA PRO A 221 14.00 12.38 22.48
C PRO A 221 14.55 11.52 23.60
N PHE A 222 13.72 10.69 24.23
CA PHE A 222 14.17 9.87 25.34
C PHE A 222 14.96 8.65 24.87
N VAL A 223 14.58 8.08 23.72
CA VAL A 223 15.44 7.08 23.07
C VAL A 223 16.80 7.70 22.77
N LEU A 224 16.81 8.93 22.25
CA LEU A 224 18.09 9.56 21.92
C LEU A 224 18.95 9.80 23.15
N ASP A 225 18.35 10.27 24.26
CA ASP A 225 19.14 10.42 25.49
C ASP A 225 19.75 9.09 25.91
N PHE A 226 18.98 8.01 25.84
CA PHE A 226 19.51 6.70 26.18
C PHE A 226 20.65 6.27 25.26
N ILE A 227 20.50 6.50 23.95
CA ILE A 227 21.51 6.07 22.98
C ILE A 227 22.78 6.89 23.14
N ILE A 228 22.63 8.21 23.28
CA ILE A 228 23.80 9.06 23.47
C ILE A 228 24.57 8.65 24.72
N ASP A 229 23.85 8.35 25.81
CA ASP A 229 24.52 7.89 27.02
C ASP A 229 25.15 6.51 26.82
N LEU A 230 24.48 5.63 26.09
CA LEU A 230 25.04 4.30 25.82
C LEU A 230 26.33 4.41 25.02
N ALA A 231 26.34 5.30 24.03
CA ALA A 231 27.55 5.53 23.24
C ALA A 231 28.69 6.01 24.13
N ARG A 232 28.41 7.00 24.99
CA ARG A 232 29.45 7.59 25.81
C ARG A 232 30.02 6.57 26.79
N ARG A 233 29.17 5.71 27.36
CA ARG A 233 29.68 4.77 28.35
C ARG A 233 30.27 3.51 27.73
N SER A 234 29.82 3.11 26.54
CA SER A 234 30.34 1.92 25.89
C SER A 234 31.59 2.20 25.07
N GLY A 235 31.83 3.46 24.71
CA GLY A 235 32.91 3.79 23.80
C GLY A 235 32.61 3.50 22.35
N ARG A 236 31.37 3.19 22.00
CA ARG A 236 30.96 2.97 20.63
C ARG A 236 30.33 4.24 20.10
N ARG A 237 30.84 4.73 18.97
CA ARG A 237 30.27 5.94 18.37
C ARG A 237 29.10 5.51 17.49
N ILE A 238 27.94 5.36 18.13
CA ILE A 238 26.79 4.78 17.47
C ILE A 238 26.35 5.68 16.34
N MET A 239 26.09 5.09 15.17
CA MET A 239 25.51 5.82 14.06
C MET A 239 24.02 5.90 14.30
N VAL A 240 23.49 7.12 14.39
CA VAL A 240 22.07 7.32 14.72
C VAL A 240 21.38 7.96 13.53
N ARG A 241 20.52 7.21 12.86
CA ARG A 241 19.76 7.75 11.73
C ARG A 241 18.47 8.35 12.28
N LEU A 242 18.34 9.67 12.17
CA LEU A 242 17.13 10.36 12.59
C LEU A 242 16.18 10.46 11.40
N VAL A 243 14.98 9.90 11.55
CA VAL A 243 13.99 9.90 10.49
C VAL A 243 12.71 10.41 11.09
N LYS A 244 11.76 10.76 10.21
CA LYS A 244 10.42 11.05 10.68
C LYS A 244 9.66 9.74 10.93
N GLY A 245 9.48 8.93 9.89
CA GLY A 245 8.96 7.60 10.09
C GLY A 245 8.13 7.12 8.93
N ALA A 246 8.18 5.83 8.63
CA ALA A 246 7.59 5.29 7.41
C ALA A 246 6.27 4.57 7.60
N TYR A 247 5.81 4.35 8.83
CA TYR A 247 4.65 3.51 9.12
C TYR A 247 3.47 4.28 9.70
N TRP A 248 3.36 5.59 9.43
CA TRP A 248 2.40 6.41 10.15
C TRP A 248 0.97 5.91 9.95
N ASP A 249 0.58 5.66 8.70
CA ASP A 249 -0.77 5.21 8.42
C ASP A 249 -1.11 3.94 9.19
N ALA A 250 -0.16 3.00 9.24
CA ALA A 250 -0.41 1.75 9.94
C ALA A 250 -0.48 1.96 11.45
N GLU A 251 0.37 2.82 11.99
CA GLU A 251 0.31 3.09 13.43
C GLU A 251 -1.03 3.70 13.81
N ILE A 252 -1.54 4.63 13.00
CA ILE A 252 -2.84 5.23 13.30
C ILE A 252 -3.93 4.18 13.25
N LYS A 253 -3.91 3.36 12.20
CA LYS A 253 -4.95 2.34 12.04
C LYS A 253 -4.96 1.37 13.21
N ARG A 254 -3.77 0.93 13.65
CA ARG A 254 -3.70 0.03 14.79
C ARG A 254 -4.17 0.70 16.07
N ALA A 255 -3.77 1.96 16.27
CA ALA A 255 -4.16 2.67 17.49
C ALA A 255 -5.66 2.93 17.53
N GLN A 256 -6.27 3.19 16.37
CA GLN A 256 -7.71 3.38 16.32
C GLN A 256 -8.46 2.09 16.65
N LEU A 257 -7.85 0.93 16.38
CA LEU A 257 -8.48 -0.35 16.68
C LEU A 257 -8.22 -0.81 18.11
N ASP A 258 -7.07 -0.44 18.68
CA ASP A 258 -6.79 -0.74 20.08
C ASP A 258 -7.63 0.09 21.04
N GLY A 259 -8.48 0.99 20.53
CA GLY A 259 -9.35 1.78 21.38
C GLY A 259 -8.61 2.71 22.32
N LEU A 260 -7.41 3.14 21.93
CA LEU A 260 -6.60 4.00 22.77
C LEU A 260 -6.94 5.47 22.51
N ALA A 261 -6.88 6.27 23.58
CA ALA A 261 -7.06 7.71 23.43
C ALA A 261 -5.78 8.40 23.00
N ASP A 262 -4.63 7.84 23.39
CA ASP A 262 -3.33 8.45 23.11
C ASP A 262 -2.48 7.43 22.35
N PHE A 263 -2.03 7.82 21.17
CA PHE A 263 -1.30 6.95 20.26
C PHE A 263 0.19 7.00 20.55
N PRO A 264 0.98 6.05 20.06
CA PRO A 264 2.44 6.13 20.21
C PRO A 264 3.10 7.10 19.25
N VAL A 265 2.36 7.69 18.31
CA VAL A 265 2.91 8.61 17.35
C VAL A 265 2.09 9.89 17.38
N PHE A 266 2.70 10.96 16.90
CA PHE A 266 1.97 12.22 16.76
C PHE A 266 0.91 12.08 15.67
N THR A 267 -0.08 12.96 15.73
CA THR A 267 -1.17 12.93 14.78
C THR A 267 -1.26 14.15 13.87
N ARG A 268 -0.47 15.19 14.13
CA ARG A 268 -0.34 16.34 13.24
C ARG A 268 1.07 16.35 12.66
N LYS A 269 1.16 16.52 11.34
CA LYS A 269 2.46 16.40 10.68
C LYS A 269 3.41 17.46 11.18
N ILE A 270 2.89 18.63 11.55
CA ILE A 270 3.77 19.68 12.03
C ILE A 270 4.39 19.30 13.36
N HIS A 271 3.71 18.46 14.15
CA HIS A 271 4.30 18.01 15.41
C HIS A 271 5.50 17.14 15.16
N THR A 272 5.42 16.25 14.16
CA THR A 272 6.57 15.44 13.79
C THR A 272 7.73 16.30 13.32
N ASP A 273 7.43 17.39 12.60
CA ASP A 273 8.49 18.25 12.11
C ASP A 273 9.21 18.95 13.25
N VAL A 274 8.45 19.44 14.22
CA VAL A 274 9.05 20.05 15.42
C VAL A 274 9.88 19.02 16.17
N SER A 275 9.32 17.83 16.37
CA SER A 275 10.06 16.74 17.01
C SER A 275 11.38 16.47 16.32
N TYR A 276 11.37 16.42 14.99
CA TYR A 276 12.60 16.12 14.26
C TYR A 276 13.66 17.19 14.51
N ILE A 277 13.28 18.47 14.44
CA ILE A 277 14.25 19.54 14.61
C ILE A 277 14.79 19.53 16.04
N ALA A 278 13.91 19.34 17.03
CA ALA A 278 14.35 19.28 18.41
C ALA A 278 15.32 18.12 18.62
N CYS A 279 15.03 16.97 18.03
CA CYS A 279 15.90 15.81 18.19
C CYS A 279 17.22 16.00 17.44
N ALA A 280 17.18 16.73 16.31
CA ALA A 280 18.42 17.05 15.61
C ALA A 280 19.31 17.94 16.45
N ALA A 281 18.72 18.90 17.17
CA ALA A 281 19.53 19.74 18.05
C ALA A 281 20.20 18.89 19.13
N LYS A 282 19.48 17.90 19.66
CA LYS A 282 20.05 17.01 20.66
C LYS A 282 21.21 16.21 20.07
N LEU A 283 21.06 15.71 18.85
CA LEU A 283 22.12 14.93 18.21
C LEU A 283 23.33 15.79 17.87
N LEU A 284 23.10 17.00 17.36
CA LEU A 284 24.22 17.85 17.00
C LEU A 284 25.03 18.29 18.21
N ALA A 285 24.44 18.29 19.41
CA ALA A 285 25.20 18.57 20.62
C ALA A 285 26.00 17.37 21.10
N ALA A 286 25.87 16.23 20.44
CA ALA A 286 26.49 14.98 20.90
C ALA A 286 27.37 14.34 19.85
N THR A 287 27.89 15.10 18.87
CA THR A 287 28.68 14.51 17.78
C THR A 287 30.00 13.90 18.26
N ASP A 288 30.44 14.20 19.47
CA ASP A 288 31.62 13.54 20.01
C ASP A 288 31.37 12.05 20.20
N VAL A 289 30.15 11.66 20.58
CA VAL A 289 29.89 10.28 20.95
C VAL A 289 28.99 9.54 19.99
N VAL A 290 28.20 10.24 19.18
CA VAL A 290 27.36 9.60 18.19
C VAL A 290 27.62 10.22 16.82
N PHE A 291 27.26 9.48 15.78
CA PHE A 291 27.37 9.94 14.39
C PHE A 291 25.97 10.19 13.86
N PRO A 292 25.48 11.42 13.91
CA PRO A 292 24.10 11.67 13.46
C PRO A 292 23.98 11.58 11.95
N GLN A 293 22.87 10.99 11.51
CA GLN A 293 22.59 10.78 10.09
C GLN A 293 21.20 11.32 9.86
N PHE A 294 21.10 12.45 9.19
CA PHE A 294 19.84 13.17 9.06
C PHE A 294 19.17 12.75 7.76
N ALA A 295 18.29 11.79 7.87
CA ALA A 295 17.54 11.25 6.74
C ALA A 295 16.29 12.09 6.48
N THR A 296 16.26 12.80 5.36
CA THR A 296 15.11 13.63 5.01
C THR A 296 15.20 14.04 3.54
N HIS A 297 14.04 14.22 2.91
CA HIS A 297 13.93 14.83 1.60
C HIS A 297 13.36 16.24 1.63
N ASN A 298 13.15 16.78 2.83
CA ASN A 298 12.49 18.07 2.99
C ASN A 298 13.59 19.12 3.03
N ALA A 299 13.58 20.03 2.05
CA ALA A 299 14.65 21.03 1.95
C ALA A 299 14.66 22.01 3.13
N GLN A 300 13.49 22.29 3.73
CA GLN A 300 13.48 23.12 4.93
C GLN A 300 14.15 22.41 6.10
N THR A 301 13.81 21.13 6.30
CA THR A 301 14.42 20.34 7.37
C THR A 301 15.94 20.31 7.19
N LEU A 302 16.39 20.07 5.96
CA LEU A 302 17.81 19.98 5.66
C LEU A 302 18.51 21.31 5.96
N ALA A 303 17.94 22.41 5.45
CA ALA A 303 18.55 23.71 5.64
C ALA A 303 18.60 24.12 7.11
N ALA A 304 17.59 23.73 7.89
CA ALA A 304 17.61 24.01 9.31
C ALA A 304 18.78 23.29 9.98
N ILE A 305 18.95 22.00 9.65
CA ILE A 305 20.02 21.21 10.26
C ILE A 305 21.39 21.70 9.79
N TYR A 306 21.53 21.99 8.50
CA TYR A 306 22.77 22.52 7.97
C TYR A 306 23.26 23.73 8.77
N HIS A 307 22.37 24.67 9.10
CA HIS A 307 22.80 25.83 9.84
C HIS A 307 22.93 25.56 11.34
N MET A 308 22.08 24.69 11.90
CA MET A 308 22.21 24.34 13.31
C MET A 308 23.55 23.70 13.62
N ALA A 309 24.14 23.00 12.63
CA ALA A 309 25.39 22.29 12.84
C ALA A 309 26.59 23.22 12.95
N GLY A 310 26.47 24.46 12.52
CA GLY A 310 27.58 25.39 12.65
C GLY A 310 28.57 25.25 11.51
N LYS A 311 29.69 25.97 11.69
CA LYS A 311 30.69 26.10 10.63
C LYS A 311 31.67 24.94 10.62
N ASP A 312 31.92 24.32 11.77
CA ASP A 312 32.88 23.22 11.81
C ASP A 312 32.29 21.99 11.17
N PHE A 313 33.00 21.44 10.17
CA PHE A 313 32.61 20.16 9.60
C PHE A 313 33.84 19.37 9.18
N HIS A 314 33.72 18.04 9.34
CA HIS A 314 34.69 17.08 8.81
C HIS A 314 33.91 15.82 8.52
N VAL A 315 34.39 15.04 7.54
CA VAL A 315 33.77 13.75 7.27
C VAL A 315 33.85 12.89 8.54
N GLY A 316 32.72 12.34 8.93
CA GLY A 316 32.56 11.63 10.18
C GLY A 316 31.87 12.41 11.27
N LYS A 317 31.67 13.72 11.10
CA LYS A 317 30.96 14.48 12.12
C LYS A 317 29.47 14.17 12.09
N TYR A 318 28.86 14.29 10.90
CA TYR A 318 27.48 13.91 10.65
CA TYR A 318 27.49 13.87 10.66
C TYR A 318 27.35 13.75 9.15
N GLU A 319 26.20 13.19 8.72
CA GLU A 319 25.88 13.15 7.30
C GLU A 319 24.39 13.32 7.14
N PHE A 320 23.98 13.60 5.92
CA PHE A 320 22.59 13.48 5.53
C PHE A 320 22.36 12.12 4.89
N GLN A 321 21.08 11.74 4.73
CA GLN A 321 20.74 10.54 4.00
C GLN A 321 19.45 10.76 3.21
N CYS A 322 19.29 9.97 2.16
CA CYS A 322 18.12 10.02 1.31
C CYS A 322 17.83 8.63 0.77
N LEU A 323 16.61 8.44 0.26
CA LEU A 323 16.23 7.20 -0.39
C LEU A 323 16.56 7.26 -1.88
N HIS A 324 17.06 6.14 -2.40
CA HIS A 324 17.28 6.00 -3.83
C HIS A 324 15.99 6.29 -4.59
N GLY A 325 16.09 7.07 -5.67
CA GLY A 325 14.95 7.43 -6.47
C GLY A 325 14.13 8.59 -5.96
N MET A 326 14.43 9.12 -4.78
CA MET A 326 13.73 10.26 -4.22
C MET A 326 14.62 11.44 -3.91
N GLY A 327 15.83 11.20 -3.44
CA GLY A 327 16.62 12.25 -2.85
C GLY A 327 17.62 12.92 -3.76
N GLU A 328 17.92 12.29 -4.89
CA GLU A 328 19.01 12.80 -5.73
C GLU A 328 18.81 14.23 -6.21
N PRO A 329 17.61 14.65 -6.65
CA PRO A 329 17.46 16.05 -7.06
C PRO A 329 17.80 17.06 -5.97
N LEU A 330 17.37 16.80 -4.74
CA LEU A 330 17.71 17.72 -3.65
C LEU A 330 19.19 17.66 -3.32
N TYR A 331 19.71 16.44 -3.15
CA TYR A 331 21.08 16.32 -2.66
C TYR A 331 22.13 16.63 -3.70
N GLU A 332 21.76 16.65 -4.99
CA GLU A 332 22.68 17.20 -5.99
C GLU A 332 22.91 18.69 -5.79
N GLU A 333 22.09 19.34 -4.97
CA GLU A 333 22.29 20.73 -4.58
C GLU A 333 22.98 20.85 -3.23
N VAL A 334 23.47 19.74 -2.68
CA VAL A 334 24.04 19.67 -1.34
C VAL A 334 25.46 19.13 -1.36
N VAL A 335 25.66 17.97 -1.98
CA VAL A 335 26.97 17.35 -2.00
CA VAL A 335 26.97 17.35 -2.00
C VAL A 335 27.89 18.11 -2.96
N GLY A 336 29.18 18.07 -2.68
CA GLY A 336 30.13 18.64 -3.61
C GLY A 336 30.61 20.02 -3.20
N ARG A 337 31.80 20.36 -3.67
CA ARG A 337 32.45 21.61 -3.24
C ARG A 337 31.79 22.85 -3.84
N GLY A 338 31.00 22.69 -4.91
CA GLY A 338 30.26 23.80 -5.49
C GLY A 338 28.90 24.04 -4.89
N LYS A 339 28.53 23.22 -3.91
CA LYS A 339 27.22 23.30 -3.26
C LYS A 339 27.44 23.57 -1.77
N LEU A 340 26.90 22.69 -0.92
CA LEU A 340 27.04 22.84 0.53
C LEU A 340 28.17 22.00 1.10
N ASP A 341 28.80 21.14 0.29
CA ASP A 341 29.94 20.34 0.72
C ASP A 341 29.61 19.51 1.96
N ARG A 342 28.42 18.91 1.96
CA ARG A 342 28.08 17.95 3.00
C ARG A 342 27.74 16.62 2.35
N PRO A 343 28.12 15.51 2.97
CA PRO A 343 27.87 14.20 2.35
C PRO A 343 26.44 13.73 2.59
N CYS A 344 26.00 12.85 1.70
CA CYS A 344 24.69 12.21 1.80
C CYS A 344 24.85 10.73 1.50
N ARG A 345 24.27 9.88 2.35
CA ARG A 345 24.23 8.45 2.11
C ARG A 345 22.90 8.02 1.52
N ILE A 346 22.95 7.28 0.40
CA ILE A 346 21.76 6.85 -0.33
C ILE A 346 21.38 5.47 0.21
N TYR A 347 20.13 5.35 0.70
CA TYR A 347 19.57 4.07 1.11
C TYR A 347 19.13 3.38 -0.18
N ALA A 348 19.70 2.21 -0.45
CA ALA A 348 19.67 1.58 -1.77
C ALA A 348 19.02 0.20 -1.68
N PRO A 349 17.72 0.10 -1.97
CA PRO A 349 17.07 -1.21 -1.96
C PRO A 349 17.61 -2.13 -3.04
N VAL A 350 17.72 -3.41 -2.70
CA VAL A 350 18.30 -4.42 -3.57
C VAL A 350 17.41 -5.65 -3.49
N GLY A 351 16.88 -6.09 -4.62
CA GLY A 351 16.09 -7.30 -4.63
C GLY A 351 15.21 -7.38 -5.86
N THR A 352 14.37 -8.40 -5.87
CA THR A 352 13.44 -8.66 -6.98
C THR A 352 12.19 -7.82 -6.82
N HIS A 353 11.28 -7.93 -7.80
CA HIS A 353 10.03 -7.20 -7.71
C HIS A 353 9.14 -7.74 -6.59
N GLU A 354 9.21 -9.05 -6.31
CA GLU A 354 8.43 -9.63 -5.22
C GLU A 354 8.78 -8.99 -3.88
N THR A 355 10.05 -9.04 -3.49
CA THR A 355 10.42 -8.49 -2.19
C THR A 355 10.29 -6.97 -2.14
N LEU A 356 10.04 -6.32 -3.29
CA LEU A 356 9.93 -4.87 -3.34
C LEU A 356 8.57 -4.35 -2.88
N LEU A 357 7.53 -5.18 -2.92
CA LEU A 357 6.16 -4.66 -2.85
C LEU A 357 5.88 -3.92 -1.54
N ALA A 358 6.22 -4.52 -0.40
CA ALA A 358 5.89 -3.87 0.88
C ALA A 358 6.58 -2.51 1.02
N TYR A 359 7.84 -2.44 0.58
CA TYR A 359 8.54 -1.17 0.58
C TYR A 359 7.87 -0.16 -0.34
N LEU A 360 7.42 -0.61 -1.51
CA LEU A 360 6.73 0.28 -2.44
C LEU A 360 5.47 0.87 -1.84
N VAL A 361 4.73 0.08 -1.05
CA VAL A 361 3.50 0.61 -0.44
C VAL A 361 3.83 1.77 0.48
N ARG A 362 4.91 1.65 1.26
CA ARG A 362 5.31 2.77 2.12
C ARG A 362 5.77 3.97 1.29
N ARG A 363 6.45 3.73 0.17
CA ARG A 363 6.81 4.84 -0.71
C ARG A 363 5.60 5.52 -1.31
N LEU A 364 4.55 4.75 -1.59
CA LEU A 364 3.32 5.35 -2.11
C LEU A 364 2.66 6.23 -1.06
N LEU A 365 2.52 5.73 0.16
CA LEU A 365 1.93 6.53 1.21
C LEU A 365 2.77 7.79 1.48
N GLU A 366 4.09 7.69 1.34
CA GLU A 366 4.96 8.85 1.53
C GLU A 366 4.80 9.84 0.38
N ASN A 367 4.89 9.36 -0.86
CA ASN A 367 4.85 10.26 -2.01
C ASN A 367 3.46 10.81 -2.28
N GLY A 368 2.40 10.06 -1.95
CA GLY A 368 1.07 10.47 -2.32
C GLY A 368 0.34 11.33 -1.32
N ALA A 369 0.87 11.45 -0.11
CA ALA A 369 0.21 12.26 0.90
C ALA A 369 0.36 13.74 0.56
N ASN A 370 -0.76 14.45 0.63
CA ASN A 370 -0.77 15.88 0.40
C ASN A 370 0.14 16.62 1.37
N SER A 371 0.37 16.08 2.56
CA SER A 371 1.23 16.71 3.56
C SER A 371 2.72 16.52 3.30
N SER A 372 3.12 15.63 2.39
CA SER A 372 4.54 15.36 2.19
C SER A 372 5.23 16.46 1.39
N PHE A 373 6.44 16.81 1.83
CA PHE A 373 7.27 17.75 1.07
C PHE A 373 7.40 17.34 -0.39
N VAL A 374 7.64 16.05 -0.65
CA VAL A 374 7.85 15.64 -2.04
C VAL A 374 6.58 15.78 -2.87
N HIS A 375 5.39 15.79 -2.25
CA HIS A 375 4.18 16.08 -3.00
C HIS A 375 4.00 17.58 -3.18
N ARG A 376 4.23 18.35 -2.10
CA ARG A 376 4.02 19.78 -2.12
C ARG A 376 4.98 20.50 -3.05
N ILE A 377 6.20 19.99 -3.20
CA ILE A 377 7.19 20.63 -4.07
C ILE A 377 6.67 20.75 -5.51
N ASN A 378 5.75 19.85 -5.91
CA ASN A 378 5.16 19.85 -7.24
C ASN A 378 3.72 20.36 -7.28
N ASP A 379 3.24 20.95 -6.17
CA ASP A 379 1.85 21.35 -6.07
C ASP A 379 1.75 22.83 -6.46
N PRO A 380 1.06 23.18 -7.54
CA PRO A 380 0.98 24.60 -7.92
C PRO A 380 0.27 25.48 -6.91
N LYS A 381 -0.46 24.90 -5.97
CA LYS A 381 -1.12 25.71 -4.95
C LYS A 381 -0.23 26.03 -3.76
N VAL A 382 0.96 25.43 -3.69
CA VAL A 382 1.85 25.58 -2.54
C VAL A 382 2.96 26.55 -2.92
N SER A 383 3.07 27.64 -2.18
CA SER A 383 4.08 28.67 -2.45
C SER A 383 5.43 28.27 -1.86
N ILE A 384 6.48 28.90 -2.37
CA ILE A 384 7.80 28.73 -1.79
C ILE A 384 7.82 29.26 -0.36
N ASP A 385 7.09 30.34 -0.10
CA ASP A 385 7.03 30.93 1.24
C ASP A 385 6.52 29.91 2.24
N GLU A 386 5.50 29.15 1.84
CA GLU A 386 4.98 28.07 2.68
C GLU A 386 6.02 26.97 2.88
N LEU A 387 6.74 26.59 1.81
CA LEU A 387 7.69 25.49 1.90
C LEU A 387 8.86 25.80 2.83
N ILE A 388 9.19 27.07 3.02
CA ILE A 388 10.33 27.44 3.86
C ILE A 388 9.89 27.88 5.25
N ALA A 389 8.61 27.71 5.58
CA ALA A 389 8.13 28.06 6.90
C ALA A 389 8.82 27.23 7.97
N ASP A 390 9.16 27.87 9.08
CA ASP A 390 9.77 27.17 10.20
C ASP A 390 8.66 26.50 11.01
N PRO A 391 8.69 25.18 11.19
CA PRO A 391 7.61 24.49 11.93
C PRO A 391 7.29 25.06 13.30
N VAL A 392 8.28 25.55 14.06
CA VAL A 392 8.00 26.10 15.38
C VAL A 392 7.15 27.35 15.27
N GLU A 393 7.41 28.16 14.24
CA GLU A 393 6.66 29.39 14.05
C GLU A 393 5.29 29.17 13.44
N VAL A 394 4.97 27.94 12.99
CA VAL A 394 3.71 27.67 12.33
C VAL A 394 2.77 26.95 13.29
N VAL A 395 3.33 26.23 14.25
CA VAL A 395 2.51 25.37 15.10
C VAL A 395 1.56 26.20 15.94
N ARG A 396 0.32 25.75 16.04
CA ARG A 396 -0.72 26.53 16.72
C ARG A 396 -1.86 25.62 17.19
N SER B 1 -37.68 -25.93 8.38
CA SER B 1 -36.33 -25.50 8.74
C SER B 1 -36.25 -23.98 8.68
N ARG B 2 -35.14 -23.40 9.14
CA ARG B 2 -34.93 -21.98 8.98
C ARG B 2 -34.97 -21.64 7.48
N PRO B 3 -35.45 -20.44 7.12
CA PRO B 3 -35.48 -20.08 5.70
C PRO B 3 -34.11 -20.18 5.07
N GLN B 4 -34.03 -20.88 3.93
CA GLN B 4 -32.79 -21.09 3.20
C GLN B 4 -31.74 -21.77 4.07
N SER B 5 -32.17 -22.64 4.99
CA SER B 5 -31.24 -23.33 5.89
C SER B 5 -30.10 -24.01 5.11
N THR B 6 -30.46 -24.77 4.08
CA THR B 6 -29.45 -25.55 3.37
C THR B 6 -28.43 -24.65 2.68
N LEU B 7 -28.89 -23.60 2.00
CA LEU B 7 -27.99 -22.67 1.33
C LEU B 7 -27.13 -21.89 2.33
N ARG B 8 -27.73 -21.46 3.44
CA ARG B 8 -26.97 -20.68 4.42
C ARG B 8 -25.95 -21.53 5.16
N ARG B 9 -26.32 -22.79 5.45
CA ARG B 9 -25.37 -23.70 6.09
C ARG B 9 -24.18 -23.96 5.20
N ALA B 10 -24.40 -24.03 3.88
CA ALA B 10 -23.30 -24.28 2.97
C ALA B 10 -22.32 -23.12 2.95
N ILE B 11 -22.82 -21.89 3.07
CA ILE B 11 -21.92 -20.74 3.14
C ILE B 11 -21.08 -20.81 4.41
N THR B 12 -21.73 -21.00 5.56
CA THR B 12 -20.99 -21.03 6.81
C THR B 12 -19.96 -22.15 6.82
N ALA B 13 -20.33 -23.32 6.28
CA ALA B 13 -19.41 -24.46 6.30
C ALA B 13 -18.18 -24.23 5.44
N ALA B 14 -18.30 -23.41 4.40
CA ALA B 14 -17.18 -23.13 3.52
C ALA B 14 -16.24 -22.07 4.08
N TYR B 15 -16.69 -21.29 5.07
CA TYR B 15 -15.98 -20.08 5.51
C TYR B 15 -14.47 -20.27 5.59
N ARG B 16 -14.04 -21.29 6.32
CA ARG B 16 -12.64 -21.64 6.54
C ARG B 16 -12.40 -23.11 6.28
N ARG B 17 -13.09 -23.66 5.27
CA ARG B 17 -12.85 -25.04 4.87
C ARG B 17 -11.44 -25.15 4.28
N PRO B 18 -10.72 -26.25 4.53
CA PRO B 18 -9.36 -26.39 3.98
C PRO B 18 -9.32 -26.18 2.48
N GLU B 19 -8.31 -25.42 2.05
CA GLU B 19 -8.17 -25.08 0.64
C GLU B 19 -8.16 -26.33 -0.25
N THR B 20 -7.46 -27.39 0.16
CA THR B 20 -7.41 -28.61 -0.65
C THR B 20 -8.79 -29.23 -0.81
N GLU B 21 -9.68 -29.05 0.17
CA GLU B 21 -11.02 -29.60 0.04
C GLU B 21 -11.93 -28.71 -0.82
N CYS B 22 -11.60 -27.42 -0.92
CA CYS B 22 -12.43 -26.52 -1.72
C CYS B 22 -12.22 -26.73 -3.21
N LEU B 23 -11.03 -27.15 -3.62
CA LEU B 23 -10.64 -27.03 -5.01
C LEU B 23 -11.22 -28.07 -5.98
N PRO B 24 -11.28 -29.36 -5.64
CA PRO B 24 -11.68 -30.38 -6.63
C PRO B 24 -13.02 -30.08 -7.30
N PRO B 25 -14.07 -29.67 -6.57
CA PRO B 25 -15.32 -29.33 -7.27
C PRO B 25 -15.17 -28.13 -8.19
N LEU B 26 -14.32 -27.17 -7.83
CA LEU B 26 -14.13 -26.00 -8.67
C LEU B 26 -13.34 -26.35 -9.92
N VAL B 27 -12.34 -27.24 -9.78
CA VAL B 27 -11.54 -27.63 -10.94
C VAL B 27 -12.43 -28.30 -11.99
N GLU B 28 -13.28 -29.23 -11.55
CA GLU B 28 -14.17 -29.90 -12.50
C GLU B 28 -15.16 -28.91 -13.12
N ALA B 29 -15.69 -27.98 -12.32
CA ALA B 29 -16.63 -27.00 -12.85
C ALA B 29 -15.99 -26.01 -13.81
N ALA B 30 -14.67 -25.80 -13.71
CA ALA B 30 -13.94 -24.86 -14.56
C ALA B 30 -13.26 -25.52 -15.74
N THR B 31 -13.35 -26.84 -15.87
CA THR B 31 -12.74 -27.55 -16.99
C THR B 31 -13.57 -27.34 -18.23
N GLN B 32 -12.94 -26.84 -19.30
CA GLN B 32 -13.60 -26.66 -20.58
C GLN B 32 -13.01 -27.62 -21.61
N SER B 33 -13.76 -27.82 -22.67
CA SER B 33 -13.35 -28.75 -23.72
C SER B 33 -12.08 -28.24 -24.40
N LYS B 34 -11.35 -29.19 -24.99
CA LYS B 34 -10.15 -28.85 -25.76
C LYS B 34 -10.49 -27.87 -26.88
N GLU B 35 -11.63 -28.06 -27.55
CA GLU B 35 -11.99 -27.16 -28.63
C GLU B 35 -12.18 -25.73 -28.11
N ILE B 36 -12.89 -25.59 -26.99
CA ILE B 36 -13.06 -24.27 -26.38
C ILE B 36 -11.73 -23.71 -25.91
N ARG B 37 -10.88 -24.56 -25.34
CA ARG B 37 -9.60 -24.05 -24.84
C ARG B 37 -8.70 -23.57 -25.97
N ASP B 38 -8.75 -24.25 -27.12
CA ASP B 38 -7.96 -23.81 -28.27
C ASP B 38 -8.45 -22.47 -28.79
N ALA B 39 -9.77 -22.31 -28.90
CA ALA B 39 -10.32 -21.05 -29.36
C ALA B 39 -10.02 -19.93 -28.37
N ALA B 40 -10.12 -20.22 -27.07
CA ALA B 40 -9.83 -19.21 -26.07
C ALA B 40 -8.37 -18.78 -26.12
N ALA B 41 -7.46 -19.73 -26.33
CA ALA B 41 -6.05 -19.38 -26.44
C ALA B 41 -5.80 -18.47 -27.63
N SER B 42 -6.46 -18.73 -28.76
CA SER B 42 -6.32 -17.87 -29.92
C SER B 42 -6.83 -16.47 -29.62
N THR B 43 -8.00 -16.38 -28.97
CA THR B 43 -8.53 -15.07 -28.61
C THR B 43 -7.60 -14.35 -27.63
N ALA B 44 -7.13 -15.06 -26.59
CA ALA B 44 -6.24 -14.44 -25.61
C ALA B 44 -4.95 -13.97 -26.27
N ARG B 45 -4.40 -14.77 -27.19
CA ARG B 45 -3.19 -14.37 -27.89
C ARG B 45 -3.41 -13.08 -28.69
N LYS B 46 -4.56 -12.99 -29.36
CA LYS B 46 -4.87 -11.78 -30.14
C LYS B 46 -5.00 -10.57 -29.23
N LEU B 47 -5.72 -10.72 -28.11
CA LEU B 47 -5.90 -9.62 -27.18
C LEU B 47 -4.57 -9.10 -26.65
N ILE B 48 -3.67 -10.01 -26.26
CA ILE B 48 -2.37 -9.61 -25.75
C ILE B 48 -1.51 -8.95 -26.82
N GLU B 49 -1.49 -9.53 -28.02
CA GLU B 49 -0.69 -8.92 -29.08
C GLU B 49 -1.23 -7.55 -29.46
N ALA B 50 -2.54 -7.36 -29.36
CA ALA B 50 -3.10 -6.03 -29.59
C ALA B 50 -2.71 -5.08 -28.47
N LEU B 51 -2.83 -5.53 -27.22
CA LEU B 51 -2.48 -4.70 -26.05
C LEU B 51 -1.15 -4.00 -26.26
N ARG B 52 -0.13 -4.78 -26.59
CA ARG B 52 1.19 -4.20 -26.82
C ARG B 52 1.23 -3.40 -28.12
N GLY B 53 0.63 -3.93 -29.18
CA GLY B 53 0.76 -3.31 -30.49
C GLY B 53 0.28 -1.87 -30.52
N LYS B 54 -0.83 -1.59 -29.84
CA LYS B 54 -1.38 -0.24 -29.81
C LYS B 54 -0.85 0.59 -28.67
N HIS B 55 0.02 0.04 -27.82
CA HIS B 55 0.51 0.76 -26.64
C HIS B 55 2.02 0.64 -26.51
N SER B 56 2.72 0.72 -27.64
CA SER B 56 4.18 0.78 -27.68
C SER B 56 4.85 -0.42 -27.01
N GLY B 57 4.16 -1.56 -26.99
CA GLY B 57 4.74 -2.77 -26.44
C GLY B 57 4.30 -3.11 -25.04
N SER B 63 1.48 4.79 -13.60
CA SER B 63 1.94 5.86 -12.72
C SER B 63 1.56 5.58 -11.27
N MET B 64 2.54 5.64 -10.37
CA MET B 64 2.28 5.31 -8.97
C MET B 64 1.38 6.33 -8.30
N MET B 65 1.46 7.61 -8.69
CA MET B 65 0.60 8.62 -8.08
C MET B 65 -0.86 8.49 -8.47
N GLY B 66 -1.17 7.66 -9.47
CA GLY B 66 -2.53 7.22 -9.64
C GLY B 66 -3.55 8.27 -10.07
N GLU B 67 -3.09 9.39 -10.64
CA GLU B 67 -4.06 10.31 -11.24
C GLU B 67 -4.83 9.62 -12.35
N GLN B 68 -4.21 8.65 -13.03
CA GLN B 68 -4.90 7.90 -14.06
C GLN B 68 -5.98 6.99 -13.50
N PHE B 69 -6.08 6.84 -12.18
CA PHE B 69 -7.13 6.00 -11.59
C PHE B 69 -8.40 6.75 -11.25
N VAL B 70 -8.40 8.07 -11.27
CA VAL B 70 -9.56 8.86 -10.87
C VAL B 70 -10.15 9.52 -12.10
N THR B 71 -11.47 9.42 -12.27
CA THR B 71 -12.13 10.01 -13.41
CA THR B 71 -12.10 10.02 -13.43
C THR B 71 -12.40 11.50 -13.25
N GLY B 72 -12.55 11.96 -12.01
CA GLY B 72 -12.81 13.37 -11.77
C GLY B 72 -12.90 13.65 -10.29
N GLU B 73 -12.78 14.94 -9.95
CA GLU B 73 -12.87 15.36 -8.55
C GLU B 73 -14.31 15.44 -8.05
N THR B 74 -15.28 15.65 -8.94
CA THR B 74 -16.68 15.73 -8.57
C THR B 74 -17.48 14.91 -9.57
N ILE B 75 -18.73 14.61 -9.22
CA ILE B 75 -19.54 13.77 -10.09
C ILE B 75 -19.83 14.49 -11.41
N ARG B 76 -20.03 15.81 -11.35
CA ARG B 76 -20.24 16.57 -12.58
C ARG B 76 -19.03 16.46 -13.49
N GLU B 77 -17.83 16.56 -12.93
CA GLU B 77 -16.61 16.44 -13.74
C GLU B 77 -16.49 15.05 -14.35
N ALA B 78 -16.72 14.01 -13.53
CA ALA B 78 -16.59 12.64 -14.02
C ALA B 78 -17.61 12.32 -15.10
N LEU B 79 -18.84 12.82 -14.96
CA LEU B 79 -19.86 12.57 -15.97
C LEU B 79 -19.49 13.21 -17.31
N LYS B 80 -18.92 14.42 -17.27
CA LYS B 80 -18.52 15.08 -18.52
C LYS B 80 -17.40 14.31 -19.22
N ARG B 81 -16.48 13.75 -18.44
CA ARG B 81 -15.34 13.03 -19.01
C ARG B 81 -15.68 11.62 -19.47
N SER B 82 -16.94 11.19 -19.29
CA SER B 82 -17.36 9.86 -19.67
C SER B 82 -17.95 9.80 -21.09
N LYS B 83 -18.25 10.94 -21.70
CA LYS B 83 -18.95 10.94 -22.99
C LYS B 83 -18.17 10.20 -24.07
N GLU B 84 -16.85 10.42 -24.13
CA GLU B 84 -16.06 9.86 -25.21
C GLU B 84 -16.15 8.34 -25.25
N LEU B 85 -15.92 7.69 -24.11
CA LEU B 85 -15.98 6.24 -24.07
C LEU B 85 -17.40 5.70 -24.16
N GLU B 86 -18.39 6.43 -23.65
CA GLU B 86 -19.77 5.99 -23.81
C GLU B 86 -20.17 5.93 -25.29
N GLU B 87 -19.67 6.88 -26.09
CA GLU B 87 -20.00 6.88 -27.52
C GLU B 87 -19.41 5.65 -28.23
N LYS B 88 -18.30 5.12 -27.73
CA LYS B 88 -17.70 3.92 -28.31
C LYS B 88 -18.45 2.66 -27.93
N GLY B 89 -19.13 2.65 -26.78
CA GLY B 89 -19.87 1.48 -26.39
C GLY B 89 -19.64 1.05 -24.96
N PHE B 90 -18.80 1.80 -24.24
CA PHE B 90 -18.60 1.56 -22.82
C PHE B 90 -19.75 2.15 -22.00
N SER B 91 -19.94 1.59 -20.80
CA SER B 91 -20.79 2.16 -19.78
C SER B 91 -19.93 2.44 -18.54
N TYR B 92 -20.55 3.02 -17.52
CA TYR B 92 -19.84 3.41 -16.31
C TYR B 92 -20.58 3.00 -15.04
N SER B 93 -19.80 2.78 -13.98
CA SER B 93 -20.28 2.70 -12.62
C SER B 93 -19.42 3.63 -11.77
N TYR B 94 -20.02 4.67 -11.22
CA TYR B 94 -19.25 5.68 -10.49
C TYR B 94 -19.09 5.30 -9.04
N ASP B 95 -17.88 5.53 -8.53
CA ASP B 95 -17.52 5.21 -7.15
C ASP B 95 -17.11 6.51 -6.45
N MET B 96 -17.96 7.01 -5.58
CA MET B 96 -17.56 8.14 -4.75
C MET B 96 -16.56 7.65 -3.71
N LEU B 97 -15.30 8.07 -3.86
CA LEU B 97 -14.24 7.54 -3.02
C LEU B 97 -14.48 7.89 -1.57
N GLY B 98 -14.14 6.96 -0.68
CA GLY B 98 -14.43 7.15 0.72
C GLY B 98 -14.98 5.87 1.30
N GLU B 99 -14.42 5.44 2.42
CA GLU B 99 -14.78 4.16 3.00
C GLU B 99 -14.37 4.19 4.46
N ALA B 100 -14.78 3.16 5.20
CA ALA B 100 -14.35 2.96 6.58
C ALA B 100 -14.57 4.21 7.42
N ALA B 101 -15.79 4.74 7.37
CA ALA B 101 -16.17 5.89 8.17
C ALA B 101 -15.87 5.61 9.63
N THR B 102 -15.17 6.56 10.28
CA THR B 102 -14.83 6.42 11.69
C THR B 102 -15.78 7.16 12.62
N THR B 103 -16.64 8.03 12.09
CA THR B 103 -17.60 8.78 12.90
C THR B 103 -18.96 8.77 12.22
N ALA B 104 -20.01 8.93 13.03
CA ALA B 104 -21.36 9.02 12.50
C ALA B 104 -21.52 10.23 11.58
N ALA B 105 -20.74 11.29 11.82
CA ALA B 105 -20.77 12.44 10.94
C ALA B 105 -20.13 12.14 9.59
N ASP B 106 -18.99 11.43 9.61
CA ASP B 106 -18.39 11.01 8.35
C ASP B 106 -19.32 10.12 7.54
N ALA B 107 -20.01 9.19 8.22
CA ALA B 107 -20.94 8.32 7.52
C ALA B 107 -22.08 9.13 6.90
N GLU B 108 -22.59 10.14 7.62
CA GLU B 108 -23.64 10.98 7.07
C GLU B 108 -23.15 11.77 5.87
N ARG B 109 -21.89 12.22 5.90
CA ARG B 109 -21.33 12.95 4.77
C ARG B 109 -21.20 12.04 3.55
N TYR B 110 -20.74 10.80 3.75
CA TYR B 110 -20.67 9.86 2.63
C TYR B 110 -22.05 9.56 2.09
N TYR B 111 -23.03 9.36 2.97
CA TYR B 111 -24.39 9.15 2.52
C TYR B 111 -24.85 10.29 1.60
N ARG B 112 -24.59 11.54 2.01
CA ARG B 112 -25.03 12.68 1.21
C ARG B 112 -24.30 12.74 -0.12
N ASP B 113 -23.01 12.38 -0.14
CA ASP B 113 -22.28 12.29 -1.40
C ASP B 113 -22.90 11.26 -2.33
N TYR B 114 -23.33 10.12 -1.78
CA TYR B 114 -23.96 9.11 -2.63
C TYR B 114 -25.31 9.59 -3.15
N GLU B 115 -26.12 10.18 -2.27
CA GLU B 115 -27.43 10.69 -2.64
C GLU B 115 -27.32 11.70 -3.78
N SER B 116 -26.44 12.69 -3.63
CA SER B 116 -26.26 13.69 -4.68
C SER B 116 -25.71 13.07 -5.96
N ALA B 117 -24.81 12.10 -5.85
CA ALA B 117 -24.29 11.44 -7.03
C ALA B 117 -25.39 10.72 -7.81
N ILE B 118 -26.31 10.05 -7.10
CA ILE B 118 -27.39 9.34 -7.78
C ILE B 118 -28.27 10.30 -8.57
N HIS B 119 -28.64 11.45 -7.99
CA HIS B 119 -29.38 12.44 -8.76
C HIS B 119 -28.62 12.85 -10.02
N ALA B 120 -27.33 13.11 -9.89
CA ALA B 120 -26.56 13.53 -11.08
C ALA B 120 -26.44 12.42 -12.10
N ILE B 121 -26.14 11.20 -11.66
CA ILE B 121 -25.98 10.07 -12.57
C ILE B 121 -27.30 9.74 -13.23
N GLY B 122 -28.39 9.76 -12.46
CA GLY B 122 -29.70 9.48 -13.01
C GLY B 122 -30.12 10.49 -14.07
N LYS B 123 -29.81 11.77 -13.83
CA LYS B 123 -30.07 12.79 -14.85
C LYS B 123 -29.29 12.51 -16.12
N ALA B 124 -28.00 12.21 -15.98
CA ALA B 124 -27.17 11.89 -17.13
C ALA B 124 -27.64 10.62 -17.84
N SER B 125 -28.11 9.63 -17.08
CA SER B 125 -28.62 8.41 -17.70
C SER B 125 -29.75 8.71 -18.68
N ALA B 126 -30.67 9.61 -18.29
CA ALA B 126 -31.72 10.07 -19.20
C ALA B 126 -32.56 8.91 -19.74
N GLY B 127 -32.87 7.96 -18.87
CA GLY B 127 -33.72 6.84 -19.25
C GLY B 127 -33.04 5.75 -20.04
N ARG B 128 -31.71 5.70 -20.09
CA ARG B 128 -31.03 4.64 -20.83
C ARG B 128 -31.18 3.27 -20.17
N GLY B 129 -31.54 3.21 -18.90
CA GLY B 129 -31.74 1.94 -18.25
C GLY B 129 -30.48 1.40 -17.59
N ILE B 130 -30.67 0.26 -16.94
CA ILE B 130 -29.62 -0.24 -16.05
C ILE B 130 -28.45 -0.90 -16.78
N TYR B 131 -28.64 -1.32 -18.03
CA TYR B 131 -27.60 -1.99 -18.79
C TYR B 131 -26.85 -1.03 -19.70
N GLU B 132 -27.57 -0.16 -20.42
CA GLU B 132 -26.90 0.75 -21.33
C GLU B 132 -26.46 2.04 -20.65
N GLY B 133 -27.10 2.40 -19.54
CA GLY B 133 -26.81 3.64 -18.85
C GLY B 133 -25.88 3.44 -17.68
N PRO B 134 -25.39 4.54 -17.13
CA PRO B 134 -24.46 4.49 -16.01
C PRO B 134 -25.16 4.08 -14.73
N GLY B 135 -24.34 3.61 -13.78
CA GLY B 135 -24.81 3.25 -12.46
C GLY B 135 -23.89 3.78 -11.38
N ILE B 136 -24.11 3.34 -10.15
CA ILE B 136 -23.31 3.75 -9.01
C ILE B 136 -22.87 2.51 -8.25
N SER B 137 -21.72 2.61 -7.59
CA SER B 137 -21.23 1.58 -6.67
C SER B 137 -21.02 2.23 -5.30
N ILE B 138 -21.42 1.52 -4.25
CA ILE B 138 -21.28 2.02 -2.89
C ILE B 138 -20.54 1.00 -2.03
N LYS B 139 -19.97 1.51 -0.94
CA LYS B 139 -19.31 0.67 0.05
C LYS B 139 -20.04 0.83 1.37
N LEU B 140 -20.48 -0.29 1.95
CA LEU B 140 -21.22 -0.24 3.19
C LEU B 140 -20.39 0.34 4.34
N SER B 141 -19.06 0.18 4.28
CA SER B 141 -18.21 0.72 5.34
C SER B 141 -18.21 2.24 5.37
N ALA B 142 -18.60 2.91 4.28
CA ALA B 142 -18.74 4.36 4.26
C ALA B 142 -19.98 4.84 4.99
N LEU B 143 -20.95 3.96 5.22
CA LEU B 143 -22.28 4.36 5.64
C LEU B 143 -22.60 4.01 7.08
N HIS B 144 -21.73 3.29 7.77
CA HIS B 144 -21.88 3.02 9.18
C HIS B 144 -20.57 3.36 9.88
N PRO B 145 -20.60 4.13 10.97
CA PRO B 145 -19.35 4.63 11.56
C PRO B 145 -18.49 3.57 12.19
N ARG B 146 -19.03 2.40 12.50
CA ARG B 146 -18.26 1.37 13.18
C ARG B 146 -18.41 0.05 12.45
N TYR B 147 -18.29 0.09 11.12
CA TYR B 147 -18.76 -1.02 10.30
C TYR B 147 -18.05 -2.33 10.63
N SER B 148 -16.73 -2.28 10.73
CA SER B 148 -15.97 -3.50 10.99
C SER B 148 -16.06 -3.96 12.44
N ARG B 149 -16.53 -3.10 13.35
CA ARG B 149 -16.45 -3.39 14.78
C ARG B 149 -17.80 -3.62 15.44
N ALA B 150 -18.84 -2.88 15.07
CA ALA B 150 -20.10 -2.97 15.79
C ALA B 150 -20.82 -4.27 15.47
N GLN B 151 -21.65 -4.71 16.41
CA GLN B 151 -22.44 -5.93 16.22
C GLN B 151 -23.36 -5.78 15.02
N ALA B 152 -23.64 -6.92 14.38
CA ALA B 152 -24.43 -6.90 13.15
C ALA B 152 -25.84 -6.38 13.39
N ALA B 153 -26.38 -6.58 14.59
CA ALA B 153 -27.72 -6.09 14.89
C ALA B 153 -27.77 -4.56 14.81
N ARG B 154 -26.77 -3.89 15.40
CA ARG B 154 -26.75 -2.44 15.39
C ARG B 154 -26.42 -1.90 14.01
N VAL B 155 -25.47 -2.53 13.33
CA VAL B 155 -25.10 -2.08 11.99
C VAL B 155 -26.29 -2.21 11.05
N MET B 156 -26.98 -3.35 11.09
CA MET B 156 -28.11 -3.57 10.20
C MET B 156 -29.23 -2.55 10.45
N GLY B 157 -29.53 -2.26 11.71
CA GLY B 157 -30.63 -1.38 12.04
C GLY B 157 -30.44 0.06 11.59
N GLU B 158 -29.20 0.51 11.46
CA GLU B 158 -28.91 1.86 11.00
C GLU B 158 -28.51 1.91 9.53
N LEU B 159 -27.95 0.84 9.01
CA LEU B 159 -27.49 0.80 7.62
C LEU B 159 -28.64 0.56 6.66
N LEU B 160 -29.55 -0.35 7.01
CA LEU B 160 -30.64 -0.72 6.10
C LEU B 160 -31.47 0.47 5.64
N PRO B 161 -31.94 1.37 6.52
CA PRO B 161 -32.72 2.52 6.01
C PRO B 161 -31.93 3.39 5.05
N ARG B 162 -30.62 3.52 5.28
CA ARG B 162 -29.77 4.33 4.42
C ARG B 162 -29.63 3.71 3.04
N VAL B 163 -29.26 2.43 2.99
CA VAL B 163 -29.12 1.76 1.71
C VAL B 163 -30.47 1.67 1.00
N LYS B 164 -31.54 1.44 1.75
CA LYS B 164 -32.85 1.40 1.11
C LYS B 164 -33.20 2.73 0.46
N ALA B 165 -32.88 3.84 1.12
CA ALA B 165 -33.17 5.15 0.54
C ALA B 165 -32.34 5.38 -0.73
N LEU B 166 -31.07 4.98 -0.71
CA LEU B 166 -30.26 5.10 -1.92
C LEU B 166 -30.81 4.24 -3.04
N ALA B 167 -31.20 3.01 -2.71
CA ALA B 167 -31.78 2.12 -3.72
C ALA B 167 -33.08 2.69 -4.29
N LEU B 168 -33.90 3.32 -3.44
CA LEU B 168 -35.11 3.96 -3.94
C LEU B 168 -34.81 5.05 -4.94
N LEU B 169 -33.78 5.88 -4.68
CA LEU B 169 -33.44 6.89 -5.67
C LEU B 169 -32.94 6.24 -6.96
N ALA B 170 -32.13 5.20 -6.84
CA ALA B 170 -31.64 4.54 -8.05
C ALA B 170 -32.81 3.93 -8.83
N LYS B 171 -33.78 3.36 -8.12
CA LYS B 171 -34.98 2.87 -8.80
C LYS B 171 -35.70 3.99 -9.50
N ASN B 172 -35.80 5.16 -8.85
CA ASN B 172 -36.52 6.29 -9.42
C ASN B 172 -35.90 6.77 -10.73
N TYR B 173 -34.59 6.60 -10.89
CA TYR B 173 -33.91 6.99 -12.12
C TYR B 173 -33.64 5.83 -13.05
N ASP B 174 -33.99 4.62 -12.62
CA ASP B 174 -33.70 3.37 -13.31
C ASP B 174 -32.21 3.25 -13.64
N ILE B 175 -31.38 3.33 -12.59
CA ILE B 175 -29.95 3.10 -12.75
C ILE B 175 -29.51 1.95 -11.87
N GLY B 176 -28.32 1.43 -12.14
CA GLY B 176 -27.78 0.36 -11.31
C GLY B 176 -27.19 0.90 -10.02
N LEU B 177 -27.34 0.13 -8.95
CA LEU B 177 -26.71 0.43 -7.67
C LEU B 177 -26.05 -0.84 -7.15
N ASN B 178 -24.73 -0.82 -7.12
CA ASN B 178 -23.95 -2.01 -6.75
C ASN B 178 -23.36 -1.85 -5.35
N ILE B 179 -23.48 -2.89 -4.55
CA ILE B 179 -22.79 -2.96 -3.26
C ILE B 179 -21.42 -3.61 -3.47
N ASP B 180 -20.35 -2.83 -3.30
CA ASP B 180 -19.00 -3.39 -3.43
C ASP B 180 -18.74 -4.39 -2.30
N ALA B 181 -17.90 -5.39 -2.57
CA ALA B 181 -17.48 -6.32 -1.53
C ALA B 181 -16.18 -5.87 -0.88
N GLU B 182 -16.14 -5.93 0.45
CA GLU B 182 -14.97 -5.46 1.19
C GLU B 182 -14.30 -6.62 1.93
N GLU B 183 -14.01 -6.46 3.22
CA GLU B 183 -13.29 -7.52 3.90
C GLU B 183 -14.18 -8.73 4.13
N ALA B 184 -13.53 -9.89 4.24
CA ALA B 184 -14.24 -11.16 4.33
C ALA B 184 -15.18 -11.21 5.53
N ASP B 185 -14.83 -10.53 6.64
CA ASP B 185 -15.68 -10.63 7.81
C ASP B 185 -16.96 -9.82 7.71
N ARG B 186 -17.17 -9.10 6.62
CA ARG B 186 -18.43 -8.38 6.42
C ARG B 186 -19.27 -8.93 5.30
N LEU B 187 -18.86 -10.04 4.69
CA LEU B 187 -19.65 -10.69 3.66
C LEU B 187 -21.05 -11.04 4.17
N GLU B 188 -21.12 -11.69 5.34
CA GLU B 188 -22.39 -12.20 5.82
C GLU B 188 -23.39 -11.06 6.05
N LEU B 189 -22.94 -9.97 6.67
CA LEU B 189 -23.83 -8.84 6.91
C LEU B 189 -24.33 -8.27 5.59
N SER B 190 -23.42 -8.03 4.65
CA SER B 190 -23.80 -7.41 3.38
C SER B 190 -24.78 -8.29 2.62
N LEU B 191 -24.66 -9.61 2.75
CA LEU B 191 -25.54 -10.53 2.05
C LEU B 191 -26.93 -10.53 2.68
N ASP B 192 -27.00 -10.46 4.01
CA ASP B 192 -28.29 -10.36 4.68
C ASP B 192 -29.00 -9.07 4.28
N LEU B 193 -28.24 -7.99 4.11
CA LEU B 193 -28.80 -6.72 3.66
C LEU B 193 -29.35 -6.85 2.24
N LEU B 194 -28.60 -7.54 1.36
CA LEU B 194 -29.06 -7.74 -0.01
C LEU B 194 -30.40 -8.45 -0.03
N GLU B 195 -30.54 -9.47 0.81
CA GLU B 195 -31.78 -10.24 0.85
C GLU B 195 -32.95 -9.37 1.26
N VAL B 196 -32.79 -8.59 2.33
CA VAL B 196 -33.90 -7.77 2.80
C VAL B 196 -34.32 -6.76 1.73
N LEU B 197 -33.36 -6.19 1.03
CA LEU B 197 -33.67 -5.22 -0.02
C LEU B 197 -34.36 -5.88 -1.21
N CYS B 198 -33.91 -7.08 -1.59
CA CYS B 198 -34.53 -7.78 -2.71
C CYS B 198 -35.94 -8.24 -2.40
N LEU B 199 -36.27 -8.43 -1.13
CA LEU B 199 -37.63 -8.81 -0.73
C LEU B 199 -38.49 -7.60 -0.35
N ASP B 200 -37.97 -6.39 -0.47
CA ASP B 200 -38.70 -5.19 -0.09
C ASP B 200 -39.56 -4.73 -1.27
N GLY B 201 -40.88 -4.78 -1.07
CA GLY B 201 -41.79 -4.41 -2.13
C GLY B 201 -41.68 -2.98 -2.61
N ASP B 202 -41.12 -2.09 -1.78
CA ASP B 202 -40.97 -0.70 -2.25
C ASP B 202 -40.00 -0.61 -3.41
N LEU B 203 -39.15 -1.61 -3.60
CA LEU B 203 -38.19 -1.60 -4.69
C LEU B 203 -38.65 -2.46 -5.88
N SER B 204 -39.93 -2.85 -5.90
CA SER B 204 -40.40 -3.74 -6.96
C SER B 204 -40.30 -3.06 -8.32
N GLY B 205 -40.05 -3.87 -9.34
CA GLY B 205 -40.02 -3.41 -10.71
C GLY B 205 -38.67 -2.92 -11.18
N TRP B 206 -37.68 -2.85 -10.28
CA TRP B 206 -36.36 -2.33 -10.61
C TRP B 206 -35.35 -3.45 -10.46
N ASN B 207 -34.55 -3.68 -11.50
CA ASN B 207 -33.55 -4.74 -11.49
C ASN B 207 -32.14 -4.21 -11.36
N GLY B 208 -31.99 -2.99 -10.85
CA GLY B 208 -30.68 -2.37 -10.75
C GLY B 208 -29.86 -2.72 -9.53
N MET B 209 -30.40 -3.46 -8.57
CA MET B 209 -29.61 -3.82 -7.41
C MET B 209 -28.50 -4.78 -7.82
N GLY B 210 -27.28 -4.46 -7.40
CA GLY B 210 -26.12 -5.26 -7.74
C GLY B 210 -25.31 -5.61 -6.51
N PHE B 211 -24.52 -6.68 -6.65
CA PHE B 211 -23.76 -7.23 -5.53
C PHE B 211 -22.50 -7.89 -6.07
N VAL B 212 -21.38 -7.68 -5.39
CA VAL B 212 -20.10 -8.26 -5.76
C VAL B 212 -19.87 -9.54 -4.98
N VAL B 213 -19.32 -10.55 -5.64
CA VAL B 213 -18.81 -11.75 -4.99
CA VAL B 213 -18.80 -11.74 -4.98
C VAL B 213 -17.34 -11.93 -5.38
N GLN B 214 -16.51 -12.23 -4.39
CA GLN B 214 -15.06 -12.34 -4.55
C GLN B 214 -14.65 -13.80 -4.70
N ALA B 215 -14.14 -14.15 -5.87
CA ALA B 215 -13.73 -15.51 -6.17
C ALA B 215 -12.47 -15.96 -5.43
N TYR B 216 -11.69 -15.05 -4.84
CA TYR B 216 -10.62 -15.52 -3.94
C TYR B 216 -11.16 -16.06 -2.62
N GLY B 217 -12.47 -15.95 -2.38
CA GLY B 217 -13.04 -16.42 -1.14
C GLY B 217 -13.59 -17.84 -1.26
N LYS B 218 -13.40 -18.62 -0.21
CA LYS B 218 -13.87 -19.99 -0.19
C LYS B 218 -15.39 -20.09 -0.23
N ARG B 219 -16.09 -19.03 0.18
CA ARG B 219 -17.54 -19.07 0.19
C ARG B 219 -18.17 -18.74 -1.15
N CYS B 220 -17.37 -18.29 -2.12
CA CYS B 220 -17.90 -17.72 -3.36
C CYS B 220 -18.97 -18.57 -4.06
N PRO B 221 -18.74 -19.85 -4.38
CA PRO B 221 -19.78 -20.59 -5.10
C PRO B 221 -21.06 -20.75 -4.30
N PHE B 222 -20.97 -20.83 -2.98
CA PHE B 222 -22.13 -21.00 -2.14
C PHE B 222 -22.88 -19.70 -1.93
N VAL B 223 -22.15 -18.59 -1.88
CA VAL B 223 -22.80 -17.29 -1.93
C VAL B 223 -23.54 -17.11 -3.24
N LEU B 224 -22.92 -17.50 -4.36
CA LEU B 224 -23.60 -17.43 -5.66
C LEU B 224 -24.87 -18.28 -5.67
N ASP B 225 -24.81 -19.49 -5.12
CA ASP B 225 -26.02 -20.31 -5.02
C ASP B 225 -27.13 -19.58 -4.28
N PHE B 226 -26.79 -18.96 -3.14
CA PHE B 226 -27.76 -18.21 -2.36
C PHE B 226 -28.34 -17.06 -3.17
N ILE B 227 -27.48 -16.32 -3.89
CA ILE B 227 -27.95 -15.13 -4.62
C ILE B 227 -28.85 -15.52 -5.78
N ILE B 228 -28.49 -16.59 -6.49
CA ILE B 228 -29.31 -17.03 -7.61
C ILE B 228 -30.68 -17.49 -7.12
N ASP B 229 -30.71 -18.22 -6.00
CA ASP B 229 -31.98 -18.62 -5.40
C ASP B 229 -32.76 -17.40 -4.90
N LEU B 230 -32.07 -16.42 -4.32
CA LEU B 230 -32.74 -15.19 -3.90
C LEU B 230 -33.36 -14.48 -5.10
N ALA B 231 -32.66 -14.45 -6.24
CA ALA B 231 -33.22 -13.83 -7.43
C ALA B 231 -34.51 -14.53 -7.83
N ARG B 232 -34.53 -15.86 -7.74
CA ARG B 232 -35.71 -16.62 -8.14
C ARG B 232 -36.88 -16.37 -7.20
N ARG B 233 -36.63 -16.24 -5.90
CA ARG B 233 -37.78 -16.06 -5.02
C ARG B 233 -38.21 -14.61 -4.85
N SER B 234 -37.33 -13.66 -5.13
CA SER B 234 -37.69 -12.25 -5.02
C SER B 234 -38.27 -11.70 -6.31
N GLY B 235 -37.99 -12.32 -7.45
CA GLY B 235 -38.38 -11.75 -8.72
C GLY B 235 -37.46 -10.66 -9.23
N ARG B 236 -36.34 -10.41 -8.57
CA ARG B 236 -35.38 -9.42 -9.02
C ARG B 236 -34.32 -10.12 -9.85
N ARG B 237 -33.95 -9.51 -10.98
CA ARG B 237 -32.77 -9.96 -11.72
C ARG B 237 -31.55 -9.27 -11.11
N ILE B 238 -30.87 -9.95 -10.21
CA ILE B 238 -29.80 -9.32 -9.45
C ILE B 238 -28.57 -9.18 -10.34
N MET B 239 -27.96 -7.98 -10.34
CA MET B 239 -26.70 -7.80 -11.04
C MET B 239 -25.59 -8.37 -10.16
N VAL B 240 -24.78 -9.26 -10.71
CA VAL B 240 -23.77 -9.95 -9.91
C VAL B 240 -22.40 -9.66 -10.52
N ARG B 241 -21.59 -8.86 -9.83
CA ARG B 241 -20.22 -8.57 -10.26
C ARG B 241 -19.29 -9.65 -9.71
N LEU B 242 -18.74 -10.47 -10.59
CA LEU B 242 -17.76 -11.49 -10.20
C LEU B 242 -16.37 -10.90 -10.31
N VAL B 243 -15.67 -10.83 -9.18
CA VAL B 243 -14.30 -10.31 -9.10
C VAL B 243 -13.43 -11.39 -8.49
N LYS B 244 -12.12 -11.21 -8.64
CA LYS B 244 -11.20 -12.04 -7.85
C LYS B 244 -11.15 -11.53 -6.42
N GLY B 245 -10.70 -10.31 -6.20
CA GLY B 245 -10.79 -9.68 -4.90
C GLY B 245 -9.63 -8.73 -4.71
N ALA B 246 -9.88 -7.65 -3.97
CA ALA B 246 -8.92 -6.55 -3.87
C ALA B 246 -8.16 -6.49 -2.57
N TYR B 247 -8.50 -7.31 -1.58
CA TYR B 247 -7.97 -7.20 -0.22
C TYR B 247 -7.08 -8.37 0.18
N TRP B 248 -6.50 -9.09 -0.79
CA TRP B 248 -5.81 -10.35 -0.49
C TRP B 248 -4.72 -10.17 0.55
N ASP B 249 -3.81 -9.22 0.35
CA ASP B 249 -2.71 -9.05 1.28
C ASP B 249 -3.21 -8.78 2.70
N ALA B 250 -4.25 -7.95 2.82
CA ALA B 250 -4.80 -7.65 4.14
C ALA B 250 -5.50 -8.86 4.73
N GLU B 251 -6.18 -9.67 3.91
CA GLU B 251 -6.84 -10.86 4.45
C GLU B 251 -5.82 -11.86 4.99
N ILE B 252 -4.69 -12.03 4.30
CA ILE B 252 -3.66 -12.92 4.81
C ILE B 252 -3.13 -12.42 6.15
N LYS B 253 -2.86 -11.12 6.25
CA LYS B 253 -2.32 -10.56 7.48
C LYS B 253 -3.35 -10.67 8.61
N ARG B 254 -4.62 -10.44 8.28
CA ARG B 254 -5.67 -10.53 9.30
C ARG B 254 -5.82 -11.95 9.82
N ALA B 255 -5.82 -12.93 8.91
CA ALA B 255 -5.99 -14.32 9.31
C ALA B 255 -4.82 -14.81 10.15
N GLN B 256 -3.61 -14.38 9.82
CA GLN B 256 -2.47 -14.71 10.68
C GLN B 256 -2.65 -14.12 12.06
N LEU B 257 -3.10 -12.87 12.14
CA LEU B 257 -3.28 -12.22 13.43
C LEU B 257 -4.45 -12.80 14.20
N ASP B 258 -5.42 -13.39 13.51
CA ASP B 258 -6.55 -14.05 14.15
C ASP B 258 -6.21 -15.45 14.66
N GLY B 259 -5.01 -15.96 14.36
CA GLY B 259 -4.65 -17.30 14.79
C GLY B 259 -5.29 -18.42 14.02
N LEU B 260 -5.73 -18.16 12.79
CA LEU B 260 -6.46 -19.16 12.03
C LEU B 260 -5.52 -20.21 11.47
N ALA B 261 -5.97 -21.46 11.50
CA ALA B 261 -5.27 -22.53 10.81
C ALA B 261 -5.65 -22.62 9.35
N ASP B 262 -6.86 -22.18 8.98
CA ASP B 262 -7.31 -22.15 7.60
C ASP B 262 -7.98 -20.80 7.36
N PHE B 263 -7.58 -20.13 6.29
CA PHE B 263 -7.95 -18.76 6.01
C PHE B 263 -9.26 -18.68 5.22
N PRO B 264 -9.90 -17.51 5.19
CA PRO B 264 -11.14 -17.37 4.40
C PRO B 264 -10.92 -17.13 2.93
N VAL B 265 -9.67 -17.01 2.49
CA VAL B 265 -9.30 -16.80 1.09
C VAL B 265 -8.30 -17.86 0.69
N PHE B 266 -8.17 -18.05 -0.62
CA PHE B 266 -7.16 -18.95 -1.13
C PHE B 266 -5.79 -18.30 -0.98
N THR B 267 -4.76 -19.14 -0.91
CA THR B 267 -3.38 -18.68 -0.79
C THR B 267 -2.54 -18.97 -2.01
N ARG B 268 -3.06 -19.75 -2.97
CA ARG B 268 -2.42 -19.98 -4.26
C ARG B 268 -3.17 -19.20 -5.33
N LYS B 269 -2.46 -18.35 -6.08
CA LYS B 269 -3.15 -17.42 -6.98
C LYS B 269 -3.95 -18.17 -8.05
N ILE B 270 -3.40 -19.25 -8.60
CA ILE B 270 -4.17 -19.94 -9.63
C ILE B 270 -5.42 -20.60 -9.08
N HIS B 271 -5.47 -20.90 -7.79
CA HIS B 271 -6.73 -21.36 -7.20
C HIS B 271 -7.83 -20.30 -7.30
N THR B 272 -7.47 -19.04 -7.15
CA THR B 272 -8.47 -17.98 -7.37
C THR B 272 -8.93 -17.95 -8.82
N ASP B 273 -8.02 -18.16 -9.77
CA ASP B 273 -8.41 -18.21 -11.17
C ASP B 273 -9.38 -19.35 -11.44
N VAL B 274 -9.10 -20.54 -10.88
CA VAL B 274 -9.99 -21.67 -11.07
C VAL B 274 -11.34 -21.37 -10.45
N SER B 275 -11.34 -20.81 -9.25
CA SER B 275 -12.58 -20.42 -8.59
C SER B 275 -13.40 -19.47 -9.45
N TYR B 276 -12.73 -18.46 -10.02
CA TYR B 276 -13.40 -17.48 -10.88
C TYR B 276 -14.08 -18.16 -12.05
N ILE B 277 -13.36 -19.06 -12.74
CA ILE B 277 -13.92 -19.71 -13.93
C ILE B 277 -15.09 -20.61 -13.56
N ALA B 278 -14.96 -21.37 -12.47
CA ALA B 278 -16.07 -22.21 -12.01
C ALA B 278 -17.29 -21.37 -11.69
N CYS B 279 -17.08 -20.23 -11.03
CA CYS B 279 -18.22 -19.39 -10.68
C CYS B 279 -18.80 -18.71 -11.91
N ALA B 280 -17.96 -18.40 -12.90
CA ALA B 280 -18.49 -17.85 -14.15
C ALA B 280 -19.40 -18.86 -14.82
N ALA B 281 -19.04 -20.15 -14.80
CA ALA B 281 -19.89 -21.17 -15.39
C ALA B 281 -21.24 -21.24 -14.68
N LYS B 282 -21.24 -21.05 -13.36
CA LYS B 282 -22.49 -21.02 -12.61
C LYS B 282 -23.35 -19.82 -13.01
N LEU B 283 -22.74 -18.64 -13.12
CA LEU B 283 -23.49 -17.44 -13.48
C LEU B 283 -24.01 -17.51 -14.91
N LEU B 284 -23.21 -18.03 -15.85
CA LEU B 284 -23.65 -18.11 -17.25
C LEU B 284 -24.83 -19.06 -17.44
N ALA B 285 -25.06 -19.97 -16.51
CA ALA B 285 -26.20 -20.87 -16.61
C ALA B 285 -27.46 -20.31 -15.94
N ALA B 286 -27.38 -19.09 -15.40
CA ALA B 286 -28.48 -18.48 -14.64
C ALA B 286 -28.81 -17.08 -15.12
N THR B 287 -28.50 -16.77 -16.39
CA THR B 287 -28.74 -15.41 -16.90
C THR B 287 -30.23 -15.04 -16.95
N ASP B 288 -31.14 -16.00 -16.81
CA ASP B 288 -32.56 -15.66 -16.69
C ASP B 288 -32.84 -14.86 -15.42
N VAL B 289 -32.08 -15.09 -14.35
CA VAL B 289 -32.40 -14.51 -13.06
C VAL B 289 -31.28 -13.64 -12.47
N VAL B 290 -30.06 -13.68 -13.01
CA VAL B 290 -29.01 -12.73 -12.65
C VAL B 290 -28.39 -12.16 -13.92
N PHE B 291 -27.77 -10.99 -13.74
CA PHE B 291 -27.01 -10.33 -14.81
C PHE B 291 -25.54 -10.43 -14.45
N PRO B 292 -24.78 -11.37 -15.03
CA PRO B 292 -23.36 -11.51 -14.65
C PRO B 292 -22.53 -10.38 -15.21
N GLN B 293 -21.63 -9.86 -14.37
CA GLN B 293 -20.72 -8.78 -14.71
C GLN B 293 -19.32 -9.28 -14.38
N PHE B 294 -18.57 -9.60 -15.42
CA PHE B 294 -17.26 -10.26 -15.27
C PHE B 294 -16.17 -9.20 -15.21
N ALA B 295 -15.78 -8.85 -13.99
CA ALA B 295 -14.75 -7.83 -13.78
C ALA B 295 -13.36 -8.46 -13.78
N THR B 296 -12.53 -8.10 -14.74
CA THR B 296 -11.17 -8.65 -14.85
C THR B 296 -10.38 -7.83 -15.85
N HIS B 297 -9.07 -7.71 -15.58
CA HIS B 297 -8.12 -7.18 -16.55
C HIS B 297 -7.26 -8.27 -17.18
N ASN B 298 -7.56 -9.52 -16.89
CA ASN B 298 -6.75 -10.64 -17.33
C ASN B 298 -7.31 -11.13 -18.67
N ALA B 299 -6.52 -10.97 -19.74
CA ALA B 299 -7.00 -11.32 -21.07
C ALA B 299 -7.30 -12.81 -21.19
N GLN B 300 -6.59 -13.65 -20.44
CA GLN B 300 -6.87 -15.08 -20.47
C GLN B 300 -8.21 -15.39 -19.81
N THR B 301 -8.48 -14.79 -18.65
CA THR B 301 -9.77 -14.97 -18.00
C THR B 301 -10.90 -14.50 -18.91
N LEU B 302 -10.70 -13.35 -19.54
CA LEU B 302 -11.73 -12.77 -20.41
C LEU B 302 -12.02 -13.72 -21.56
N ALA B 303 -10.97 -14.16 -22.25
CA ALA B 303 -11.15 -15.07 -23.39
C ALA B 303 -11.86 -16.35 -22.97
N ALA B 304 -11.54 -16.88 -21.80
CA ALA B 304 -12.16 -18.12 -21.33
C ALA B 304 -13.66 -17.93 -21.17
N ILE B 305 -14.07 -16.81 -20.59
CA ILE B 305 -15.48 -16.56 -20.34
C ILE B 305 -16.21 -16.26 -21.64
N TYR B 306 -15.57 -15.49 -22.52
CA TYR B 306 -16.14 -15.18 -23.82
C TYR B 306 -16.51 -16.45 -24.59
N HIS B 307 -15.60 -17.44 -24.61
CA HIS B 307 -15.92 -18.70 -25.28
C HIS B 307 -16.84 -19.59 -24.47
N MET B 308 -16.72 -19.57 -23.13
CA MET B 308 -17.64 -20.33 -22.30
C MET B 308 -19.08 -19.89 -22.55
N ALA B 309 -19.28 -18.59 -22.78
CA ALA B 309 -20.63 -18.06 -22.90
C ALA B 309 -21.31 -18.46 -24.20
N GLY B 310 -20.56 -18.95 -25.19
CA GLY B 310 -21.18 -19.41 -26.41
C GLY B 310 -21.52 -18.29 -27.37
N LYS B 311 -22.18 -18.69 -28.46
CA LYS B 311 -22.39 -17.81 -29.60
C LYS B 311 -23.58 -16.87 -29.42
N ASP B 312 -24.50 -17.18 -28.51
CA ASP B 312 -25.72 -16.38 -28.37
C ASP B 312 -25.45 -15.22 -27.42
N PHE B 313 -25.64 -14.00 -27.91
CA PHE B 313 -25.44 -12.82 -27.09
C PHE B 313 -26.42 -11.71 -27.45
N HIS B 314 -26.85 -10.98 -26.42
CA HIS B 314 -27.56 -9.72 -26.57
C HIS B 314 -27.16 -8.82 -25.41
N VAL B 315 -27.24 -7.50 -25.63
CA VAL B 315 -26.98 -6.58 -24.53
C VAL B 315 -28.02 -6.78 -23.45
N GLY B 316 -27.56 -6.95 -22.22
CA GLY B 316 -28.39 -7.36 -21.11
C GLY B 316 -28.16 -8.80 -20.70
N LYS B 317 -27.50 -9.62 -21.52
CA LYS B 317 -27.25 -11.00 -21.13
C LYS B 317 -26.17 -11.08 -20.06
N TYR B 318 -25.01 -10.50 -20.34
CA TYR B 318 -23.93 -10.32 -19.37
C TYR B 318 -23.07 -9.17 -19.88
N GLU B 319 -22.12 -8.73 -19.04
CA GLU B 319 -21.16 -7.74 -19.51
C GLU B 319 -19.82 -8.04 -18.83
N PHE B 320 -18.78 -7.39 -19.33
CA PHE B 320 -17.49 -7.34 -18.65
C PHE B 320 -17.38 -6.03 -17.91
N GLN B 321 -16.38 -5.95 -17.02
CA GLN B 321 -16.10 -4.71 -16.31
C GLN B 321 -14.59 -4.53 -16.13
N CYS B 322 -14.16 -3.28 -16.04
CA CYS B 322 -12.77 -2.96 -15.77
C CYS B 322 -12.68 -1.73 -14.91
N LEU B 323 -11.49 -1.49 -14.36
CA LEU B 323 -11.21 -0.29 -13.59
C LEU B 323 -10.70 0.82 -14.50
N HIS B 324 -11.17 2.03 -14.25
CA HIS B 324 -10.65 3.19 -14.95
C HIS B 324 -9.14 3.28 -14.74
N GLY B 325 -8.40 3.56 -15.81
CA GLY B 325 -6.95 3.64 -15.73
C GLY B 325 -6.21 2.32 -15.85
N MET B 326 -6.90 1.21 -15.95
CA MET B 326 -6.28 -0.11 -16.08
C MET B 326 -6.82 -0.91 -17.25
N GLY B 327 -8.13 -0.90 -17.48
CA GLY B 327 -8.71 -1.85 -18.41
C GLY B 327 -9.02 -1.35 -19.80
N GLU B 328 -9.02 -0.04 -20.01
CA GLU B 328 -9.39 0.49 -21.32
C GLU B 328 -8.57 -0.09 -22.46
N PRO B 329 -7.25 -0.22 -22.38
CA PRO B 329 -6.52 -0.79 -23.52
C PRO B 329 -6.98 -2.19 -23.89
N LEU B 330 -7.23 -3.04 -22.90
CA LEU B 330 -7.72 -4.39 -23.18
C LEU B 330 -9.12 -4.35 -23.77
N TYR B 331 -10.02 -3.58 -23.16
CA TYR B 331 -11.40 -3.61 -23.58
C TYR B 331 -11.67 -2.83 -24.85
N GLU B 332 -10.77 -1.96 -25.28
CA GLU B 332 -10.86 -1.42 -26.63
C GLU B 332 -10.67 -2.49 -27.70
N GLU B 333 -10.17 -3.67 -27.32
CA GLU B 333 -10.12 -4.82 -28.21
C GLU B 333 -11.30 -5.77 -28.03
N VAL B 334 -12.30 -5.37 -27.23
CA VAL B 334 -13.44 -6.22 -26.87
C VAL B 334 -14.76 -5.59 -27.30
N VAL B 335 -14.99 -4.33 -26.92
CA VAL B 335 -16.22 -3.62 -27.24
C VAL B 335 -16.27 -3.31 -28.74
N GLY B 336 -17.42 -3.50 -29.33
CA GLY B 336 -17.48 -3.08 -30.72
C GLY B 336 -17.59 -4.25 -31.68
N ARG B 337 -18.29 -4.02 -32.79
CA ARG B 337 -18.67 -5.09 -33.71
C ARG B 337 -17.45 -5.78 -34.30
N GLY B 338 -16.42 -5.02 -34.64
CA GLY B 338 -15.22 -5.59 -35.23
C GLY B 338 -14.27 -6.24 -34.26
N LYS B 339 -14.58 -6.18 -32.97
CA LYS B 339 -13.72 -6.77 -31.95
C LYS B 339 -14.35 -8.06 -31.44
N LEU B 340 -14.81 -8.06 -30.19
CA LEU B 340 -15.54 -9.19 -29.66
C LEU B 340 -17.04 -8.90 -29.52
N ASP B 341 -17.46 -7.67 -29.75
CA ASP B 341 -18.87 -7.31 -29.69
C ASP B 341 -19.46 -7.61 -28.32
N ARG B 342 -18.70 -7.33 -27.27
CA ARG B 342 -19.21 -7.51 -25.91
C ARG B 342 -19.02 -6.21 -25.13
N PRO B 343 -19.97 -5.85 -24.28
CA PRO B 343 -19.90 -4.57 -23.58
C PRO B 343 -19.01 -4.63 -22.34
N CYS B 344 -18.57 -3.45 -21.91
CA CYS B 344 -17.72 -3.31 -20.74
C CYS B 344 -18.14 -2.06 -19.96
N ARG B 345 -18.29 -2.22 -18.64
CA ARG B 345 -18.60 -1.11 -17.76
C ARG B 345 -17.34 -0.72 -17.01
N ILE B 346 -17.03 0.57 -17.01
CA ILE B 346 -15.81 1.11 -16.39
C ILE B 346 -16.16 1.58 -15.00
N TYR B 347 -15.49 1.00 -13.99
CA TYR B 347 -15.59 1.47 -12.62
C TYR B 347 -14.78 2.73 -12.46
N ALA B 348 -15.44 3.83 -12.09
CA ALA B 348 -14.91 5.18 -12.21
C ALA B 348 -14.87 5.88 -10.86
N PRO B 349 -13.73 5.89 -10.17
CA PRO B 349 -13.63 6.61 -8.90
C PRO B 349 -13.74 8.10 -9.07
N VAL B 350 -14.38 8.75 -8.10
CA VAL B 350 -14.59 10.20 -8.08
C VAL B 350 -14.17 10.70 -6.71
N GLY B 351 -13.23 11.64 -6.67
CA GLY B 351 -12.82 12.19 -5.39
C GLY B 351 -11.49 12.91 -5.50
N THR B 352 -10.89 13.14 -4.32
CA THR B 352 -9.61 13.84 -4.20
C THR B 352 -8.63 13.06 -3.34
N HIS B 353 -7.47 13.67 -3.03
CA HIS B 353 -6.47 13.01 -2.22
C HIS B 353 -6.99 12.68 -0.83
N GLU B 354 -7.94 13.45 -0.32
CA GLU B 354 -8.50 13.16 0.99
C GLU B 354 -9.19 11.81 1.05
N THR B 355 -9.49 11.21 -0.12
CA THR B 355 -10.21 9.95 -0.17
C THR B 355 -9.59 8.92 -1.11
N LEU B 356 -8.38 9.18 -1.62
CA LEU B 356 -7.77 8.34 -2.64
C LEU B 356 -6.81 7.27 -2.10
N LEU B 357 -6.22 7.52 -0.92
CA LEU B 357 -5.13 6.70 -0.39
C LEU B 357 -5.46 5.20 -0.36
N ALA B 358 -6.56 4.85 0.31
CA ALA B 358 -6.86 3.43 0.52
C ALA B 358 -7.08 2.71 -0.81
N TYR B 359 -7.78 3.35 -1.74
CA TYR B 359 -7.98 2.77 -3.07
C TYR B 359 -6.65 2.63 -3.80
N LEU B 360 -5.81 3.65 -3.73
CA LEU B 360 -4.53 3.61 -4.43
C LEU B 360 -3.63 2.50 -3.88
N VAL B 361 -3.65 2.29 -2.57
CA VAL B 361 -2.86 1.20 -2.01
C VAL B 361 -3.30 -0.14 -2.60
N ARG B 362 -4.62 -0.37 -2.67
CA ARG B 362 -5.08 -1.63 -3.28
C ARG B 362 -4.69 -1.71 -4.75
N ARG B 363 -4.71 -0.58 -5.47
CA ARG B 363 -4.23 -0.59 -6.85
C ARG B 363 -2.74 -0.90 -6.94
N LEU B 364 -1.94 -0.38 -6.01
CA LEU B 364 -0.52 -0.69 -6.06
C LEU B 364 -0.27 -2.17 -5.77
N LEU B 365 -1.01 -2.73 -4.79
CA LEU B 365 -0.83 -4.15 -4.49
C LEU B 365 -1.27 -5.01 -5.66
N GLU B 366 -2.26 -4.54 -6.41
CA GLU B 366 -2.70 -5.24 -7.62
C GLU B 366 -1.69 -5.09 -8.74
N ASN B 367 -1.30 -3.86 -9.06
CA ASN B 367 -0.41 -3.61 -10.18
C ASN B 367 1.02 -4.04 -9.93
N GLY B 368 1.44 -4.09 -8.68
CA GLY B 368 2.83 -4.32 -8.38
C GLY B 368 3.16 -5.75 -8.04
N ALA B 369 2.15 -6.60 -7.88
CA ALA B 369 2.39 -7.98 -7.50
C ALA B 369 2.89 -8.78 -8.70
N ASN B 370 3.90 -9.61 -8.45
CA ASN B 370 4.48 -10.44 -9.51
C ASN B 370 3.48 -11.45 -10.06
N SER B 371 2.46 -11.82 -9.28
CA SER B 371 1.46 -12.77 -9.73
C SER B 371 0.36 -12.15 -10.57
N SER B 372 0.32 -10.82 -10.70
CA SER B 372 -0.81 -10.19 -11.38
C SER B 372 -0.59 -10.17 -12.88
N PHE B 373 -1.67 -10.44 -13.63
CA PHE B 373 -1.62 -10.34 -15.08
C PHE B 373 -1.05 -9.01 -15.54
N VAL B 374 -1.50 -7.90 -14.93
CA VAL B 374 -1.09 -6.59 -15.45
C VAL B 374 0.40 -6.35 -15.23
N HIS B 375 1.01 -7.05 -14.28
CA HIS B 375 2.45 -6.98 -14.07
C HIS B 375 3.18 -7.96 -14.98
N ARG B 376 2.62 -9.17 -15.13
CA ARG B 376 3.23 -10.20 -15.94
C ARG B 376 3.29 -9.81 -17.42
N ILE B 377 2.27 -9.08 -17.90
CA ILE B 377 2.31 -8.64 -19.30
C ILE B 377 3.49 -7.75 -19.60
N ASN B 378 4.06 -7.07 -18.59
CA ASN B 378 5.23 -6.21 -18.74
C ASN B 378 6.51 -6.85 -18.20
N ASP B 379 6.48 -8.16 -17.92
CA ASP B 379 7.61 -8.86 -17.33
C ASP B 379 8.34 -9.61 -18.44
N PRO B 380 9.60 -9.27 -18.74
CA PRO B 380 10.28 -9.93 -19.86
C PRO B 380 10.52 -11.40 -19.65
N LYS B 381 10.38 -11.92 -18.43
CA LYS B 381 10.56 -13.34 -18.19
C LYS B 381 9.34 -14.17 -18.60
N VAL B 382 8.20 -13.55 -18.83
CA VAL B 382 6.93 -14.25 -18.98
C VAL B 382 6.56 -14.30 -20.46
N SER B 383 6.53 -15.51 -21.02
CA SER B 383 6.23 -15.70 -22.44
C SER B 383 4.73 -15.46 -22.71
N ILE B 384 4.40 -15.16 -23.97
CA ILE B 384 2.99 -15.10 -24.34
C ILE B 384 2.32 -16.45 -24.11
N ASP B 385 3.06 -17.55 -24.37
CA ASP B 385 2.57 -18.89 -24.07
C ASP B 385 2.07 -18.98 -22.63
N GLU B 386 2.86 -18.44 -21.69
CA GLU B 386 2.47 -18.49 -20.28
C GLU B 386 1.25 -17.62 -19.98
N LEU B 387 1.15 -16.45 -20.62
CA LEU B 387 0.04 -15.54 -20.39
C LEU B 387 -1.28 -16.12 -20.89
N ILE B 388 -1.25 -16.96 -21.93
CA ILE B 388 -2.49 -17.50 -22.49
C ILE B 388 -2.82 -18.89 -21.95
N ALA B 389 -1.95 -19.48 -21.15
CA ALA B 389 -2.18 -20.82 -20.66
C ALA B 389 -3.40 -20.86 -19.73
N ASP B 390 -4.18 -21.92 -19.84
CA ASP B 390 -5.32 -22.10 -18.97
C ASP B 390 -4.85 -22.55 -17.59
N PRO B 391 -5.05 -21.76 -16.55
CA PRO B 391 -4.63 -22.18 -15.20
C PRO B 391 -5.34 -23.43 -14.70
N VAL B 392 -6.53 -23.74 -15.21
CA VAL B 392 -7.23 -24.94 -14.78
C VAL B 392 -6.43 -26.20 -15.13
N GLU B 393 -5.70 -26.16 -16.24
CA GLU B 393 -4.88 -27.29 -16.64
C GLU B 393 -3.65 -27.47 -15.75
N VAL B 394 -3.29 -26.45 -14.98
CA VAL B 394 -2.17 -26.57 -14.04
C VAL B 394 -2.56 -27.44 -12.83
N VAL B 395 -3.83 -27.41 -12.43
CA VAL B 395 -4.28 -28.17 -11.27
C VAL B 395 -5.21 -29.32 -11.60
N ARG B 396 -5.62 -29.47 -12.86
CA ARG B 396 -6.52 -30.55 -13.25
C ARG B 396 -5.93 -31.92 -12.95
PA FAD C . 8.27 15.24 5.10
O1A FAD C . 7.29 15.47 4.00
O2A FAD C . 8.88 16.46 5.77
O5B FAD C . 7.72 14.39 6.22
C5B FAD C . 6.76 13.33 5.97
C4B FAD C . 6.63 12.49 7.20
O4B FAD C . 5.82 13.17 8.20
C3B FAD C . 5.92 11.17 7.02
O3B FAD C . 6.81 10.24 6.42
C2B FAD C . 5.52 10.83 8.46
O2B FAD C . 6.64 10.38 9.22
C1B FAD C . 5.16 12.21 9.01
N9A FAD C . 3.73 12.52 9.01
C8A FAD C . 2.90 12.71 7.94
N7A FAD C . 1.67 13.02 8.27
C5A FAD C . 1.69 13.05 9.66
C6A FAD C . 0.70 13.31 10.62
N6A FAD C . -0.58 13.62 10.34
N1A FAD C . 1.06 13.25 11.92
C2A FAD C . 2.33 12.95 12.22
N3A FAD C . 3.34 12.67 11.40
C4A FAD C . 2.96 12.75 10.12
N1 FAD C . 11.38 5.48 8.56
C2 FAD C . 11.22 4.46 9.44
O2 FAD C . 10.15 4.31 10.05
N3 FAD C . 12.25 3.53 9.62
C4 FAD C . 13.48 3.57 9.01
O4 FAD C . 14.33 2.71 9.28
C4X FAD C . 13.65 4.66 8.07
N5 FAD C . 14.82 4.78 7.42
C5X FAD C . 14.96 5.84 6.53
C6 FAD C . 16.16 5.98 5.82
C7 FAD C . 16.34 7.04 4.93
C7M FAD C . 17.64 7.18 4.19
C8 FAD C . 15.31 7.99 4.75
C8M FAD C . 15.45 9.14 3.79
C9 FAD C . 14.11 7.83 5.44
C9A FAD C . 13.94 6.78 6.34
N10 FAD C . 12.72 6.60 7.02
C10 FAD C . 12.56 5.58 7.92
C1' FAD C . 11.67 7.64 6.94
C2' FAD C . 10.57 7.40 5.92
O2' FAD C . 10.91 6.37 4.99
C3' FAD C . 10.32 8.70 5.15
O3' FAD C . 11.27 8.88 4.11
C4' FAD C . 10.29 9.99 5.97
O4' FAD C . 9.48 9.85 7.13
C5' FAD C . 9.89 11.20 5.15
O5' FAD C . 10.31 12.39 5.84
P FAD C . 10.80 13.65 5.05
O1P FAD C . 11.46 14.53 6.12
O2P FAD C . 11.57 13.29 3.90
O3P FAD C . 9.44 14.33 4.55
C1 PEG D . 26.30 26.66 8.46
O1 PEG D . 26.66 27.80 9.21
C2 PEG D . 27.42 26.16 7.62
O2 PEG D . 27.91 27.23 6.83
C3 PEG D . 29.23 27.00 6.34
C4 PEG D . 29.59 28.03 5.32
O4 PEG D . 29.45 29.35 5.85
C01 X7Q E . 12.73 3.77 3.66
C02 X7Q E . 13.04 3.53 4.93
C03 X7Q E . 13.82 2.44 5.49
C05 X7Q E . 11.08 1.51 6.48
C06 X7Q E . 10.88 1.22 4.92
O07 X7Q E . 10.07 1.95 4.35
O08 X7Q E . 11.56 0.32 4.44
S04 X7Q E . 12.91 1.45 6.79
PA FAD F . -5.32 -11.32 -12.09
O1A FAD F . -3.89 -10.92 -12.15
O2A FAD F . -5.70 -12.47 -12.96
O5B FAD F . -5.68 -11.73 -10.63
C5B FAD F . -5.04 -11.11 -9.48
C4B FAD F . -5.90 -11.40 -8.29
O4B FAD F . -5.62 -12.73 -7.81
C3B FAD F . -5.66 -10.50 -7.08
O3B FAD F . -6.36 -9.27 -7.21
C2B FAD F . -6.20 -11.37 -5.95
O2B FAD F . -7.62 -11.39 -5.99
C1B FAD F . -5.79 -12.77 -6.40
N9A FAD F . -4.56 -13.30 -5.80
C8A FAD F . -3.31 -12.76 -5.87
N7A FAD F . -2.39 -13.48 -5.26
C5A FAD F . -3.09 -14.56 -4.75
C6A FAD F . -2.70 -15.68 -4.00
N6A FAD F . -1.43 -15.93 -3.63
N1A FAD F . -3.66 -16.58 -3.66
C2A FAD F . -4.92 -16.34 -4.04
N3A FAD F . -5.41 -15.32 -4.75
C4A FAD F . -4.44 -14.46 -5.09
N1 FAD F . -12.54 -6.65 -5.60
C2 FAD F . -13.17 -6.66 -4.39
O2 FAD F . -12.69 -7.24 -3.40
N3 FAD F . -14.36 -5.96 -4.25
C4 FAD F . -15.01 -5.27 -5.24
O4 FAD F . -16.10 -4.72 -5.00
C4X FAD F . -14.33 -5.26 -6.52
N5 FAD F . -14.91 -4.62 -7.54
C5X FAD F . -14.24 -4.62 -8.75
C6 FAD F . -14.78 -3.94 -9.84
C7 FAD F . -14.16 -3.96 -11.09
C7M FAD F . -14.77 -3.21 -12.25
C8 FAD F . -12.95 -4.65 -11.24
C8M FAD F . -12.24 -4.67 -12.58
C9 FAD F . -12.39 -5.32 -10.16
C9A FAD F . -13.02 -5.32 -8.93
N10 FAD F . -12.46 -5.97 -7.81
C10 FAD F . -13.11 -6.00 -6.60
C1' FAD F . -11.28 -6.83 -7.98
C2' FAD F . -9.94 -6.19 -7.65
O2' FAD F . -10.10 -4.78 -7.52
C3' FAD F . -8.93 -6.53 -8.75
O3' FAD F . -9.12 -5.67 -9.86
C4' FAD F . -8.95 -7.98 -9.26
O4' FAD F . -8.97 -8.88 -8.15
C5' FAD F . -7.81 -8.31 -10.22
O5' FAD F . -8.15 -9.51 -10.95
P FAD F . -7.75 -9.69 -12.47
O1P FAD F . -8.53 -10.89 -13.00
O2P FAD F . -7.88 -8.38 -13.15
O3P FAD F . -6.22 -10.05 -12.38
C1 PEG G . -18.10 -16.62 -30.80
O1 PEG G . -18.96 -15.89 -31.67
C2 PEG G . -18.47 -16.41 -29.36
O2 PEG G . -17.87 -17.40 -28.55
C3 PEG G . -17.62 -18.65 -29.20
C4 PEG G . -18.59 -19.67 -28.72
O4 PEG G . -17.99 -20.56 -27.79
C01 X7Q H . -11.76 -1.52 -7.31
C02 X7Q H . -12.72 -2.27 -6.83
C03 X7Q H . -13.95 -1.89 -6.17
C05 X7Q H . -12.31 -2.66 -3.73
C06 X7Q H . -11.47 -1.32 -4.03
O07 X7Q H . -12.07 -0.26 -3.90
O08 X7Q H . -10.31 -1.51 -4.36
S04 X7Q H . -13.99 -2.42 -4.40
#